data_7K48
#
_entry.id   7K48
#
_cell.length_a   1.00
_cell.length_b   1.00
_cell.length_c   1.00
_cell.angle_alpha   90.00
_cell.angle_beta   90.00
_cell.angle_gamma   90.00
#
_symmetry.space_group_name_H-M   'P 1'
#
loop_
_entity.id
_entity.type
_entity.pdbx_description
1 polymer 'Maltose/maltodextrin-binding periplasmic protein,Ion transport protein,Sodium channel protein type 9 subunit alpha chimera'
2 polymer Mu-theraphotoxin-Hs2a
#
loop_
_entity_poly.entity_id
_entity_poly.type
_entity_poly.pdbx_seq_one_letter_code
_entity_poly.pdbx_strand_id
1 'polypeptide(L)'
;MKIEEGKLVIWINGDKGYNGLAEVGKKFEKDTGIKVTVEHPDKLEEKFPQVAATGDGPDIIFWAHDRFGGYAQSGLLAEI
TPDKAFQDKLYPFTWDAVRYNGKLIAYPIAVEALSLIYNKDLLPNPPKTWEEIPALDKELKAKGKSALMFNLQEPYFTWP
LIAADGGYAFKYENGKYDIKDVGVDNAGAKAGLTFLVDLIKNKHMNADTDYSIAEAAFNKGETAMTINGPWAWSNIDTSK
VNYGVTVLPTFKGQPSKPFVGVLSAGINAASPNKELAKEFLENYLLTDEGLEAVNKDKPLGAVALKSYEEELAKDPRIAA
TMENAQKGEIMPNIPQMSAFWYAVRTAVINAASGRQTVDEALKDAQTNAMYLAITNIVESSFFTKFITICIVLNTLFMAM
EHHPMTEEFKNVLAIGNLVFTGIFAAEIILRIYVHRISFFKDPWSLFDFFVVTLSLVELFLADVEGLSVLRSFRLLRLFR
AVTAVPQMRKIVSALISVIPGMLSVIALMTLFFYIFAIMATQLFGERFPEWFGTLGESFYTLFQVMTLESWSMGIVRPLM
EVYPYAWVFFIPFIFVVTFVMINLVVAIIVDAMAILNQKEEQHIIDEVQSH
;
A,B,C,D
2 'polypeptide(L)' GCLGIFKACNPSNDQCCKSSKLVCSRKTRWCKWQI E,F,G,H
#
# COMPACT_ATOMS: atom_id res chain seq x y z
N ASN A 368 25.55 -5.36 -56.70
CA ASN A 368 25.28 -4.86 -55.36
C ASN A 368 24.94 -3.38 -55.38
N ALA A 369 24.72 -2.84 -56.58
CA ALA A 369 24.55 -1.41 -56.78
C ALA A 369 23.25 -0.89 -56.18
N MET A 370 22.12 -1.33 -56.72
CA MET A 370 20.83 -0.94 -56.16
C MET A 370 20.62 -1.54 -54.78
N TYR A 371 21.28 -2.66 -54.49
CA TYR A 371 21.37 -3.24 -53.16
C TYR A 371 21.81 -2.20 -52.14
N LEU A 372 23.03 -1.68 -52.31
CA LEU A 372 23.51 -0.68 -51.36
C LEU A 372 22.80 0.66 -51.49
N ALA A 373 22.27 1.00 -52.67
CA ALA A 373 21.60 2.29 -52.82
C ALA A 373 20.30 2.32 -52.04
N ILE A 374 19.42 1.37 -52.31
CA ILE A 374 18.16 1.30 -51.58
C ILE A 374 18.41 0.90 -50.12
N THR A 375 19.52 0.20 -49.84
CA THR A 375 19.88 -0.06 -48.46
C THR A 375 20.26 1.22 -47.72
N ASN A 376 20.93 2.15 -48.40
CA ASN A 376 21.16 3.47 -47.83
C ASN A 376 19.86 4.20 -47.58
N ILE A 377 18.90 4.03 -48.48
CA ILE A 377 17.61 4.65 -48.26
C ILE A 377 16.88 4.00 -47.08
N VAL A 378 17.15 2.71 -46.83
CA VAL A 378 16.64 2.07 -45.62
C VAL A 378 17.29 2.68 -44.39
N GLU A 379 18.60 2.83 -44.41
CA GLU A 379 19.23 3.38 -43.22
C GLU A 379 19.09 4.89 -43.13
N SER A 380 18.41 5.51 -44.09
CA SER A 380 18.11 6.93 -44.01
C SER A 380 17.17 7.20 -42.85
N SER A 381 17.56 8.18 -42.02
CA SER A 381 16.78 8.55 -40.86
C SER A 381 15.44 9.14 -41.22
N PHE A 382 15.31 9.74 -42.41
CA PHE A 382 13.99 10.13 -42.92
C PHE A 382 13.07 8.93 -43.00
N PHE A 383 13.56 7.82 -43.55
CA PHE A 383 12.74 6.61 -43.66
C PHE A 383 12.48 5.99 -42.29
N THR A 384 13.52 5.86 -41.46
CA THR A 384 13.37 5.14 -40.21
C THR A 384 12.49 5.91 -39.24
N LYS A 385 12.71 7.22 -39.13
CA LYS A 385 11.83 8.06 -38.34
C LYS A 385 10.44 8.13 -38.95
N PHE A 386 10.31 8.00 -40.28
CA PHE A 386 8.99 7.92 -40.89
C PHE A 386 8.27 6.65 -40.45
N ILE A 387 9.00 5.56 -40.28
CA ILE A 387 8.41 4.33 -39.77
C ILE A 387 7.93 4.53 -38.35
N THR A 388 8.71 5.25 -37.54
CA THR A 388 8.26 5.49 -36.17
C THR A 388 7.07 6.44 -36.11
N ILE A 389 6.98 7.39 -37.05
CA ILE A 389 5.79 8.23 -37.15
C ILE A 389 4.58 7.40 -37.56
N CYS A 390 4.79 6.44 -38.46
CA CYS A 390 3.73 5.50 -38.81
C CYS A 390 3.33 4.65 -37.61
N ILE A 391 4.30 4.35 -36.74
CA ILE A 391 4.03 3.58 -35.53
C ILE A 391 3.16 4.36 -34.57
N VAL A 392 3.52 5.61 -34.28
CA VAL A 392 2.77 6.39 -33.31
C VAL A 392 1.42 6.78 -33.88
N LEU A 393 1.34 6.91 -35.21
CA LEU A 393 0.06 7.14 -35.84
C LEU A 393 -0.80 5.89 -35.81
N ASN A 394 -0.18 4.71 -35.86
CA ASN A 394 -0.95 3.48 -35.69
C ASN A 394 -1.48 3.36 -34.27
N THR A 395 -0.70 3.80 -33.30
CA THR A 395 -1.18 3.73 -31.92
C THR A 395 -2.30 4.71 -31.69
N LEU A 396 -2.23 5.88 -32.33
CA LEU A 396 -3.36 6.80 -32.25
C LEU A 396 -4.55 6.26 -33.03
N PHE A 397 -4.28 5.48 -34.07
CA PHE A 397 -5.35 4.79 -34.77
C PHE A 397 -6.06 3.78 -33.88
N MET A 398 -5.30 3.08 -33.05
CA MET A 398 -5.92 2.28 -32.01
C MET A 398 -6.51 3.10 -30.89
N ALA A 399 -6.06 4.34 -30.71
CA ALA A 399 -6.72 5.24 -29.78
C ALA A 399 -8.04 5.75 -30.33
N MET A 400 -8.28 5.52 -31.61
CA MET A 400 -9.64 5.62 -32.13
C MET A 400 -10.42 4.33 -31.92
N GLU A 401 -10.08 3.52 -30.93
CA GLU A 401 -11.00 2.48 -30.47
C GLU A 401 -11.92 3.06 -29.39
N HIS A 402 -12.89 3.83 -29.84
CA HIS A 402 -14.01 4.16 -29.00
C HIS A 402 -15.10 3.12 -29.14
N HIS A 403 -16.00 3.11 -28.19
CA HIS A 403 -17.29 2.48 -28.42
C HIS A 403 -18.25 3.32 -29.29
N PRO A 404 -18.31 4.70 -29.17
CA PRO A 404 -19.20 5.42 -30.10
C PRO A 404 -18.72 5.57 -31.53
N MET A 405 -17.73 4.80 -31.96
CA MET A 405 -17.45 4.70 -33.38
C MET A 405 -18.62 4.04 -34.10
N THR A 406 -18.79 4.40 -35.36
CA THR A 406 -19.91 3.84 -36.09
C THR A 406 -19.46 2.61 -36.86
N GLU A 407 -20.46 1.81 -37.27
CA GLU A 407 -20.17 0.58 -38.00
C GLU A 407 -19.67 0.87 -39.41
N GLU A 408 -20.21 1.91 -40.05
CA GLU A 408 -19.70 2.32 -41.35
C GLU A 408 -18.28 2.85 -41.25
N PHE A 409 -17.99 3.65 -40.22
CA PHE A 409 -16.62 4.11 -40.00
C PHE A 409 -15.72 3.02 -39.43
N LYS A 410 -16.29 1.88 -39.00
CA LYS A 410 -15.46 0.79 -38.52
C LYS A 410 -14.73 0.09 -39.67
N ASN A 411 -15.30 0.12 -40.87
CA ASN A 411 -14.70 -0.57 -42.00
C ASN A 411 -13.44 0.14 -42.48
N VAL A 412 -13.44 1.49 -42.44
CA VAL A 412 -12.24 2.22 -42.77
C VAL A 412 -11.19 2.03 -41.68
N LEU A 413 -11.60 1.84 -40.43
CA LEU A 413 -10.66 1.47 -39.37
C LEU A 413 -10.05 0.11 -39.66
N ALA A 414 -10.84 -0.82 -40.18
CA ALA A 414 -10.33 -2.14 -40.52
C ALA A 414 -9.33 -2.07 -41.66
N ILE A 415 -9.63 -1.28 -42.70
CA ILE A 415 -8.69 -1.18 -43.82
C ILE A 415 -7.47 -0.36 -43.40
N GLY A 416 -7.62 0.53 -42.42
CA GLY A 416 -6.46 1.23 -41.90
C GLY A 416 -5.53 0.33 -41.13
N ASN A 417 -6.09 -0.59 -40.34
CA ASN A 417 -5.27 -1.60 -39.69
C ASN A 417 -4.61 -2.50 -40.72
N LEU A 418 -5.37 -2.84 -41.77
CA LEU A 418 -4.84 -3.61 -42.91
C LEU A 418 -3.63 -2.94 -43.53
N VAL A 419 -3.74 -1.65 -43.85
CA VAL A 419 -2.65 -0.99 -44.55
C VAL A 419 -1.51 -0.66 -43.61
N PHE A 420 -1.78 -0.45 -42.31
CA PHE A 420 -0.70 -0.24 -41.34
C PHE A 420 0.14 -1.50 -41.23
N THR A 421 -0.51 -2.66 -41.04
CA THR A 421 0.19 -3.93 -41.02
C THR A 421 0.89 -4.23 -42.33
N GLY A 422 0.32 -3.78 -43.44
CA GLY A 422 1.01 -3.93 -44.72
C GLY A 422 2.29 -3.12 -44.79
N ILE A 423 2.26 -1.89 -44.27
CA ILE A 423 3.46 -1.06 -44.22
C ILE A 423 4.53 -1.70 -43.36
N PHE A 424 4.11 -2.30 -42.25
CA PHE A 424 5.10 -2.95 -41.38
C PHE A 424 5.67 -4.19 -42.04
N ALA A 425 4.83 -4.96 -42.73
CA ALA A 425 5.31 -6.14 -43.43
C ALA A 425 6.25 -5.77 -44.56
N ALA A 426 5.96 -4.65 -45.24
CA ALA A 426 6.85 -4.17 -46.29
C ALA A 426 8.18 -3.74 -45.70
N GLU A 427 8.14 -3.11 -44.52
CA GLU A 427 9.37 -2.70 -43.84
C GLU A 427 10.24 -3.90 -43.51
N ILE A 428 9.61 -4.96 -43.01
CA ILE A 428 10.43 -6.10 -42.60
C ILE A 428 10.91 -6.90 -43.80
N ILE A 429 10.14 -6.96 -44.89
CA ILE A 429 10.62 -7.71 -46.05
C ILE A 429 11.79 -6.96 -46.69
N LEU A 430 11.81 -5.63 -46.62
CA LEU A 430 13.02 -4.93 -47.06
C LEU A 430 14.19 -5.16 -46.09
N ARG A 431 13.93 -5.20 -44.78
CA ARG A 431 15.02 -5.37 -43.83
C ARG A 431 15.63 -6.76 -43.92
N ILE A 432 14.87 -7.73 -44.44
CA ILE A 432 15.44 -9.05 -44.63
C ILE A 432 15.97 -9.22 -46.04
N TYR A 433 15.51 -8.41 -46.99
CA TYR A 433 16.10 -8.41 -48.32
C TYR A 433 17.52 -7.87 -48.25
N VAL A 434 17.79 -6.99 -47.29
CA VAL A 434 19.18 -6.64 -47.04
C VAL A 434 19.85 -7.76 -46.24
N HIS A 435 19.40 -8.00 -45.02
CA HIS A 435 20.15 -8.81 -44.07
C HIS A 435 19.66 -10.24 -44.07
N ARG A 436 20.59 -11.19 -44.14
CA ARG A 436 20.23 -12.59 -44.00
C ARG A 436 20.19 -13.03 -42.54
N ILE A 437 21.33 -13.04 -41.87
CA ILE A 437 21.44 -13.46 -40.47
C ILE A 437 21.98 -12.34 -39.60
N SER A 438 22.48 -11.27 -40.21
CA SER A 438 23.13 -10.20 -39.47
C SER A 438 22.15 -9.45 -38.59
N PHE A 439 20.96 -9.15 -39.11
CA PHE A 439 19.91 -8.61 -38.26
C PHE A 439 19.38 -9.66 -37.29
N PHE A 440 19.48 -10.93 -37.66
CA PHE A 440 18.92 -12.00 -36.85
C PHE A 440 19.76 -12.30 -35.63
N LYS A 441 21.03 -11.91 -35.64
CA LYS A 441 21.79 -11.93 -34.39
C LYS A 441 21.24 -10.89 -33.42
N ASP A 442 20.82 -9.74 -33.93
CA ASP A 442 20.29 -8.68 -33.07
C ASP A 442 18.90 -9.05 -32.55
N PRO A 443 18.71 -9.15 -31.23
CA PRO A 443 17.38 -9.52 -30.72
C PRO A 443 16.34 -8.43 -30.87
N TRP A 444 16.73 -7.18 -31.08
CA TRP A 444 15.74 -6.12 -31.28
C TRP A 444 15.03 -6.31 -32.61
N SER A 445 15.80 -6.59 -33.67
CA SER A 445 15.22 -6.94 -34.96
C SER A 445 14.37 -8.19 -34.88
N LEU A 446 14.79 -9.16 -34.07
CA LEU A 446 13.98 -10.35 -33.86
C LEU A 446 12.68 -10.02 -33.17
N PHE A 447 12.70 -9.04 -32.27
CA PHE A 447 11.48 -8.61 -31.61
C PHE A 447 10.52 -7.98 -32.61
N ASP A 448 11.05 -7.12 -33.49
CA ASP A 448 10.21 -6.46 -34.49
C ASP A 448 9.60 -7.48 -35.46
N PHE A 449 10.44 -8.37 -35.97
CA PHE A 449 10.02 -9.42 -36.89
C PHE A 449 8.98 -10.33 -36.24
N PHE A 450 9.22 -10.69 -34.98
CA PHE A 450 8.33 -11.60 -34.28
C PHE A 450 6.96 -10.99 -34.07
N VAL A 451 6.93 -9.71 -33.71
CA VAL A 451 5.62 -9.15 -33.42
C VAL A 451 4.85 -8.86 -34.71
N VAL A 452 5.54 -8.52 -35.81
CA VAL A 452 4.76 -8.28 -37.02
C VAL A 452 4.35 -9.61 -37.67
N THR A 453 5.11 -10.68 -37.45
CA THR A 453 4.63 -11.98 -37.90
C THR A 453 3.48 -12.46 -37.06
N LEU A 454 3.45 -12.11 -35.77
CA LEU A 454 2.28 -12.45 -34.97
C LEU A 454 1.06 -11.64 -35.41
N SER A 455 1.29 -10.40 -35.84
CA SER A 455 0.24 -9.63 -36.51
C SER A 455 -0.21 -10.32 -37.80
N LEU A 456 0.71 -10.95 -38.52
CA LEU A 456 0.29 -11.68 -39.71
C LEU A 456 -0.42 -12.98 -39.39
N VAL A 457 -0.11 -13.62 -38.27
CA VAL A 457 -0.90 -14.78 -37.87
C VAL A 457 -2.29 -14.33 -37.45
N GLU A 458 -2.41 -13.13 -36.88
CA GLU A 458 -3.73 -12.50 -36.74
C GLU A 458 -4.37 -12.32 -38.11
N LEU A 459 -3.57 -11.95 -39.10
CA LEU A 459 -3.98 -11.96 -40.49
C LEU A 459 -3.93 -13.34 -41.13
N PHE A 460 -3.97 -14.42 -40.34
CA PHE A 460 -4.00 -15.78 -40.86
C PHE A 460 -4.98 -16.66 -40.07
N LEU A 461 -6.22 -16.16 -39.90
CA LEU A 461 -7.37 -16.94 -39.37
C LEU A 461 -7.19 -17.41 -37.93
N ALA A 462 -6.25 -16.85 -37.19
CA ALA A 462 -5.99 -17.35 -35.85
C ALA A 462 -6.86 -16.59 -34.86
N ASP A 463 -7.06 -17.21 -33.69
CA ASP A 463 -7.75 -16.56 -32.58
C ASP A 463 -6.73 -15.75 -31.79
N VAL A 464 -6.30 -14.67 -32.41
CA VAL A 464 -5.57 -13.63 -31.69
C VAL A 464 -6.61 -12.74 -31.02
N GLU A 465 -6.55 -12.66 -29.70
CA GLU A 465 -7.52 -11.87 -28.96
C GLU A 465 -7.25 -10.40 -29.24
N GLY A 466 -6.10 -9.92 -28.81
CA GLY A 466 -5.65 -8.58 -29.08
C GLY A 466 -4.15 -8.52 -29.20
N LEU A 467 -3.54 -9.70 -29.32
CA LEU A 467 -2.09 -9.84 -29.38
C LEU A 467 -1.49 -9.13 -30.59
N SER A 468 -2.32 -8.84 -31.60
CA SER A 468 -1.91 -8.02 -32.74
C SER A 468 -1.38 -6.67 -32.31
N VAL A 469 -2.06 -6.00 -31.37
CA VAL A 469 -1.58 -4.69 -30.98
C VAL A 469 -0.51 -4.82 -29.90
N LEU A 470 0.04 -6.04 -29.73
CA LEU A 470 1.40 -6.15 -29.22
C LEU A 470 2.40 -5.36 -30.07
N ARG A 471 2.11 -5.13 -31.36
CA ARG A 471 2.89 -4.18 -32.15
C ARG A 471 2.83 -2.75 -31.63
N SER A 472 1.90 -2.44 -30.72
CA SER A 472 1.93 -1.20 -29.96
C SER A 472 3.24 -1.06 -29.21
N PHE A 473 3.79 -2.19 -28.75
CA PHE A 473 5.08 -2.21 -28.09
C PHE A 473 6.22 -1.73 -28.99
N ARG A 474 6.01 -1.69 -30.30
CA ARG A 474 6.98 -1.07 -31.21
C ARG A 474 7.18 0.40 -30.92
N LEU A 475 6.18 1.06 -30.33
CA LEU A 475 6.30 2.42 -29.82
C LEU A 475 7.44 2.58 -28.82
N LEU A 476 7.87 1.50 -28.16
CA LEU A 476 9.02 1.54 -27.27
C LEU A 476 10.32 1.89 -27.98
N ARG A 477 10.37 1.86 -29.31
CA ARG A 477 11.54 2.40 -30.01
C ARG A 477 11.66 3.91 -29.84
N LEU A 478 10.54 4.60 -29.62
CA LEU A 478 10.57 5.99 -29.16
C LEU A 478 11.25 6.12 -27.82
N PHE A 479 11.17 5.07 -26.99
CA PHE A 479 11.96 4.97 -25.78
C PHE A 479 13.46 5.10 -26.08
N ARG A 480 13.89 4.57 -27.22
CA ARG A 480 15.27 4.73 -27.68
C ARG A 480 15.61 6.16 -28.09
N ALA A 481 14.62 7.06 -28.16
CA ALA A 481 14.89 8.48 -28.26
C ALA A 481 14.69 9.23 -26.95
N VAL A 482 13.92 8.66 -26.01
CA VAL A 482 13.58 9.43 -24.81
C VAL A 482 14.73 9.42 -23.81
N THR A 483 15.76 8.60 -24.04
CA THR A 483 16.95 8.56 -23.20
C THR A 483 17.79 9.85 -23.32
N ALA A 484 17.45 10.74 -24.24
CA ALA A 484 18.22 11.96 -24.51
C ALA A 484 18.17 12.98 -23.37
N VAL A 485 17.29 12.81 -22.40
CA VAL A 485 17.33 13.61 -21.17
C VAL A 485 18.49 13.04 -20.34
N PRO A 486 19.36 13.88 -19.76
CA PRO A 486 20.58 13.36 -19.11
C PRO A 486 20.34 12.51 -17.87
N GLN A 487 19.19 12.63 -17.21
CA GLN A 487 18.91 11.71 -16.11
C GLN A 487 18.49 10.34 -16.64
N MET A 488 17.79 10.32 -17.77
CA MET A 488 17.26 9.10 -18.36
C MET A 488 18.35 8.17 -18.87
N ARG A 489 19.53 8.71 -19.22
CA ARG A 489 20.69 7.87 -19.50
C ARG A 489 21.03 6.99 -18.31
N LYS A 490 21.16 7.62 -17.14
CA LYS A 490 21.43 6.89 -15.90
C LYS A 490 20.29 5.96 -15.56
N ILE A 491 19.06 6.36 -15.87
CA ILE A 491 17.89 5.56 -15.56
C ILE A 491 17.85 4.28 -16.39
N VAL A 492 18.17 4.40 -17.68
CA VAL A 492 18.08 3.22 -18.54
C VAL A 492 19.27 2.31 -18.32
N SER A 493 20.47 2.88 -18.09
CA SER A 493 21.61 2.07 -17.68
C SER A 493 21.34 1.37 -16.35
N ALA A 494 20.60 2.04 -15.46
CA ALA A 494 20.24 1.46 -14.18
C ALA A 494 19.28 0.29 -14.33
N LEU A 495 18.24 0.46 -15.15
CA LEU A 495 17.25 -0.60 -15.34
C LEU A 495 17.87 -1.81 -16.03
N ILE A 496 18.70 -1.55 -17.05
CA ILE A 496 19.36 -2.63 -17.77
C ILE A 496 20.38 -3.31 -16.87
N SER A 497 20.97 -2.57 -15.94
CA SER A 497 21.86 -3.16 -14.95
C SER A 497 21.14 -4.01 -13.92
N VAL A 498 19.92 -3.64 -13.52
CA VAL A 498 19.25 -4.37 -12.45
C VAL A 498 18.29 -5.42 -12.94
N ILE A 499 18.16 -5.62 -14.26
CA ILE A 499 17.40 -6.78 -14.77
C ILE A 499 17.80 -8.13 -14.15
N PRO A 500 19.13 -8.56 -14.11
CA PRO A 500 19.40 -9.94 -13.70
C PRO A 500 19.16 -10.24 -12.22
N GLY A 501 19.51 -9.31 -11.34
CA GLY A 501 19.24 -9.48 -9.94
C GLY A 501 17.76 -9.52 -9.63
N MET A 502 16.97 -8.73 -10.37
CA MET A 502 15.53 -8.81 -10.21
C MET A 502 14.97 -10.12 -10.71
N LEU A 503 15.56 -10.69 -11.76
CA LEU A 503 15.14 -12.02 -12.21
C LEU A 503 15.42 -13.05 -11.12
N SER A 504 16.55 -12.91 -10.44
CA SER A 504 16.88 -13.83 -9.34
C SER A 504 15.92 -13.67 -8.17
N VAL A 505 15.53 -12.42 -7.84
CA VAL A 505 14.61 -12.27 -6.70
C VAL A 505 13.19 -12.66 -7.08
N ILE A 506 12.82 -12.56 -8.37
CA ILE A 506 11.56 -13.14 -8.82
C ILE A 506 11.58 -14.64 -8.65
N ALA A 507 12.73 -15.26 -8.94
CA ALA A 507 12.86 -16.71 -8.78
C ALA A 507 12.67 -17.13 -7.32
N LEU A 508 13.35 -16.42 -6.40
CA LEU A 508 13.26 -16.80 -5.00
C LEU A 508 11.89 -16.53 -4.42
N MET A 509 11.28 -15.40 -4.77
CA MET A 509 9.95 -15.08 -4.27
C MET A 509 8.91 -16.03 -4.85
N THR A 510 9.10 -16.49 -6.09
CA THR A 510 8.18 -17.48 -6.63
C THR A 510 8.36 -18.82 -5.95
N LEU A 511 9.57 -19.13 -5.51
CA LEU A 511 9.77 -20.35 -4.73
C LEU A 511 9.03 -20.28 -3.40
N PHE A 512 9.09 -19.11 -2.75
CA PHE A 512 8.35 -18.88 -1.52
C PHE A 512 6.87 -19.04 -1.73
N PHE A 513 6.36 -18.43 -2.80
CA PHE A 513 4.97 -18.60 -3.19
C PHE A 513 4.63 -20.05 -3.45
N TYR A 514 5.56 -20.79 -4.02
CA TYR A 514 5.28 -22.16 -4.39
C TYR A 514 5.06 -23.02 -3.16
N ILE A 515 5.96 -22.94 -2.19
CA ILE A 515 5.79 -23.77 -1.01
C ILE A 515 4.62 -23.29 -0.16
N PHE A 516 4.40 -21.97 -0.09
CA PHE A 516 3.31 -21.47 0.72
C PHE A 516 1.96 -21.79 0.09
N ALA A 517 1.87 -21.72 -1.22
CA ALA A 517 0.60 -22.01 -1.86
C ALA A 517 0.29 -23.48 -1.84
N ILE A 518 1.32 -24.33 -1.87
CA ILE A 518 1.08 -25.76 -1.71
C ILE A 518 0.53 -26.05 -0.33
N MET A 519 1.11 -25.42 0.70
CA MET A 519 0.58 -25.54 2.06
C MET A 519 -0.86 -25.05 2.14
N ALA A 520 -1.15 -23.94 1.49
CA ALA A 520 -2.47 -23.34 1.58
C ALA A 520 -3.50 -24.20 0.86
N THR A 521 -3.17 -24.72 -0.31
CA THR A 521 -4.15 -25.49 -1.04
C THR A 521 -4.32 -26.88 -0.47
N GLN A 522 -3.39 -27.34 0.35
CA GLN A 522 -3.71 -28.54 1.12
C GLN A 522 -4.55 -28.18 2.33
N LEU A 523 -4.30 -27.03 2.95
CA LEU A 523 -4.99 -26.65 4.17
C LEU A 523 -6.46 -26.33 3.94
N PHE A 524 -6.73 -25.31 3.13
CA PHE A 524 -8.04 -24.71 3.03
C PHE A 524 -8.77 -25.08 1.75
N GLY A 525 -8.55 -26.30 1.26
CA GLY A 525 -9.19 -26.68 0.01
C GLY A 525 -10.65 -27.03 0.18
N GLU A 526 -11.04 -27.46 1.37
CA GLU A 526 -12.33 -28.14 1.48
C GLU A 526 -13.50 -27.16 1.60
N ARG A 527 -13.49 -26.28 2.62
CA ARG A 527 -14.69 -25.51 2.93
C ARG A 527 -14.97 -24.42 1.91
N PHE A 528 -13.94 -23.94 1.22
CA PHE A 528 -14.16 -23.09 0.08
C PHE A 528 -13.05 -23.28 -0.94
N PRO A 529 -13.38 -23.80 -2.11
CA PRO A 529 -12.38 -23.97 -3.18
C PRO A 529 -12.36 -22.82 -4.17
N GLU A 530 -13.17 -21.78 -3.96
CA GLU A 530 -13.13 -20.63 -4.85
C GLU A 530 -11.82 -19.90 -4.73
N TRP A 531 -11.21 -19.92 -3.56
CA TRP A 531 -9.93 -19.28 -3.36
C TRP A 531 -8.77 -20.26 -3.28
N PHE A 532 -9.02 -21.51 -2.90
CA PHE A 532 -7.93 -22.44 -2.66
C PHE A 532 -8.20 -23.86 -3.17
N GLY A 533 -9.04 -24.04 -4.19
CA GLY A 533 -9.33 -25.38 -4.64
C GLY A 533 -8.18 -26.00 -5.42
N THR A 534 -7.72 -25.32 -6.45
CA THR A 534 -6.64 -25.81 -7.29
C THR A 534 -5.32 -25.31 -6.74
N LEU A 535 -4.26 -25.43 -7.51
CA LEU A 535 -3.07 -24.67 -7.23
C LEU A 535 -3.02 -23.36 -8.01
N GLY A 536 -3.70 -23.29 -9.15
CA GLY A 536 -3.73 -22.05 -9.90
C GLY A 536 -4.45 -20.94 -9.15
N GLU A 537 -5.61 -21.27 -8.61
CA GLU A 537 -6.39 -20.22 -7.94
C GLU A 537 -5.90 -19.97 -6.52
N SER A 538 -5.33 -20.98 -5.86
CA SER A 538 -4.69 -20.73 -4.58
C SER A 538 -3.44 -19.88 -4.75
N PHE A 539 -2.72 -20.10 -5.84
CA PHE A 539 -1.55 -19.29 -6.11
C PHE A 539 -1.94 -17.87 -6.43
N TYR A 540 -3.03 -17.69 -7.18
CA TYR A 540 -3.51 -16.33 -7.42
C TYR A 540 -3.99 -15.69 -6.12
N THR A 541 -4.59 -16.47 -5.23
CA THR A 541 -5.05 -15.91 -3.98
C THR A 541 -3.90 -15.47 -3.10
N LEU A 542 -2.80 -16.21 -3.10
CA LEU A 542 -1.66 -15.71 -2.36
C LEU A 542 -0.97 -14.56 -3.04
N PHE A 543 -1.14 -14.40 -4.35
CA PHE A 543 -0.68 -13.13 -4.88
C PHE A 543 -1.56 -11.99 -4.44
N GLN A 544 -2.85 -12.26 -4.23
CA GLN A 544 -3.71 -11.21 -3.72
C GLN A 544 -3.36 -10.83 -2.29
N VAL A 545 -3.13 -11.82 -1.44
CA VAL A 545 -2.73 -11.54 -0.06
C VAL A 545 -1.32 -10.97 -0.02
N MET A 546 -0.53 -11.15 -1.07
CA MET A 546 0.75 -10.47 -1.13
C MET A 546 0.61 -8.97 -1.20
N THR A 547 -0.30 -8.46 -2.01
CA THR A 547 -0.30 -7.04 -2.29
C THR A 547 -1.14 -6.24 -1.31
N LEU A 548 -1.50 -6.84 -0.17
CA LEU A 548 -2.19 -6.18 0.93
C LEU A 548 -3.49 -5.57 0.47
N GLU A 549 -4.39 -6.42 -0.01
CA GLU A 549 -5.68 -5.93 -0.45
C GLU A 549 -6.75 -6.96 -0.10
N SER A 550 -7.63 -6.58 0.81
CA SER A 550 -8.75 -7.38 1.29
C SER A 550 -8.35 -8.74 1.75
N TRP A 551 -7.15 -8.87 2.29
CA TRP A 551 -6.86 -10.12 2.96
C TRP A 551 -7.67 -10.20 4.23
N SER A 552 -7.87 -9.09 4.90
CA SER A 552 -8.64 -9.13 6.11
C SER A 552 -10.14 -9.28 5.84
N MET A 553 -10.75 -8.29 5.22
CA MET A 553 -12.20 -8.31 5.08
C MET A 553 -12.64 -9.31 4.03
N GLY A 554 -11.88 -9.47 2.97
CA GLY A 554 -12.32 -10.33 1.91
C GLY A 554 -11.92 -11.77 2.13
N ILE A 555 -10.79 -12.01 2.78
CA ILE A 555 -10.25 -13.36 2.83
C ILE A 555 -10.18 -13.94 4.23
N VAL A 556 -9.36 -13.35 5.10
CA VAL A 556 -9.00 -14.03 6.32
C VAL A 556 -10.15 -14.04 7.32
N ARG A 557 -10.98 -13.03 7.32
CA ARG A 557 -12.11 -13.05 8.25
C ARG A 557 -13.15 -14.12 7.89
N PRO A 558 -13.42 -14.43 6.62
CA PRO A 558 -14.11 -15.70 6.36
C PRO A 558 -13.40 -16.95 6.86
N LEU A 559 -12.06 -16.97 6.88
CA LEU A 559 -11.42 -18.16 7.43
C LEU A 559 -11.57 -18.22 8.95
N MET A 560 -11.48 -17.08 9.62
CA MET A 560 -11.72 -17.03 11.06
C MET A 560 -13.15 -17.38 11.42
N GLU A 561 -14.07 -17.23 10.47
CA GLU A 561 -15.40 -17.78 10.66
C GLU A 561 -15.39 -19.31 10.75
N VAL A 562 -14.40 -19.98 10.16
CA VAL A 562 -14.36 -21.43 10.24
C VAL A 562 -13.14 -21.90 11.01
N TYR A 563 -11.95 -21.59 10.49
CA TYR A 563 -10.72 -22.06 11.11
C TYR A 563 -10.15 -20.93 11.97
N PRO A 564 -10.15 -21.05 13.30
CA PRO A 564 -9.61 -19.97 14.13
C PRO A 564 -8.10 -19.97 14.26
N TYR A 565 -7.38 -20.79 13.49
CA TYR A 565 -5.93 -20.79 13.58
C TYR A 565 -5.31 -20.71 12.19
N ALA A 566 -5.79 -19.79 11.37
CA ALA A 566 -5.14 -19.52 10.10
C ALA A 566 -4.53 -18.14 10.04
N TRP A 567 -4.82 -17.29 11.02
CA TRP A 567 -4.09 -16.04 11.09
C TRP A 567 -2.64 -16.29 11.42
N VAL A 568 -2.37 -17.32 12.23
CA VAL A 568 -1.00 -17.75 12.44
C VAL A 568 -0.37 -18.34 11.21
N PHE A 569 -1.15 -18.65 10.18
CA PHE A 569 -0.53 -18.92 8.90
C PHE A 569 -0.28 -17.64 8.13
N PHE A 570 -1.25 -16.74 8.11
CA PHE A 570 -1.17 -15.67 7.14
C PHE A 570 -0.24 -14.55 7.55
N ILE A 571 -0.20 -14.22 8.84
CA ILE A 571 0.62 -13.11 9.32
C ILE A 571 2.13 -13.33 9.09
N PRO A 572 2.72 -14.51 9.38
CA PRO A 572 4.13 -14.66 9.01
C PRO A 572 4.37 -14.66 7.53
N PHE A 573 3.36 -15.01 6.74
CA PHE A 573 3.50 -14.88 5.30
C PHE A 573 3.61 -13.42 4.88
N ILE A 574 2.80 -12.56 5.51
CA ILE A 574 2.87 -11.13 5.22
C ILE A 574 4.22 -10.58 5.61
N PHE A 575 4.76 -11.02 6.75
CA PHE A 575 6.08 -10.56 7.16
C PHE A 575 7.17 -11.00 6.20
N VAL A 576 7.16 -12.26 5.77
CA VAL A 576 8.26 -12.73 4.95
C VAL A 576 8.19 -12.15 3.54
N VAL A 577 7.00 -11.87 3.02
CA VAL A 577 7.02 -11.39 1.65
C VAL A 577 7.09 -9.85 1.62
N THR A 578 6.65 -9.16 2.67
CA THR A 578 7.00 -7.76 2.83
C THR A 578 8.51 -7.59 2.98
N PHE A 579 9.15 -8.50 3.69
CA PHE A 579 10.61 -8.57 3.77
C PHE A 579 11.23 -8.73 2.39
N VAL A 580 10.75 -9.67 1.59
CA VAL A 580 11.36 -9.97 0.30
C VAL A 580 11.13 -8.82 -0.69
N MET A 581 9.94 -8.23 -0.68
CA MET A 581 9.66 -7.11 -1.58
C MET A 581 10.47 -5.87 -1.20
N ILE A 582 10.67 -5.63 0.10
CA ILE A 582 11.53 -4.51 0.48
C ILE A 582 12.98 -4.82 0.11
N ASN A 583 13.38 -6.10 0.15
CA ASN A 583 14.71 -6.47 -0.33
C ASN A 583 14.87 -6.23 -1.81
N LEU A 584 13.80 -6.44 -2.58
CA LEU A 584 13.80 -6.06 -3.99
C LEU A 584 14.02 -4.57 -4.17
N VAL A 585 13.36 -3.76 -3.33
CA VAL A 585 13.53 -2.31 -3.40
C VAL A 585 14.98 -1.93 -3.08
N VAL A 586 15.62 -2.66 -2.17
CA VAL A 586 17.01 -2.38 -1.82
C VAL A 586 17.95 -2.70 -2.98
N ALA A 587 17.75 -3.88 -3.59
CA ALA A 587 18.59 -4.21 -4.73
C ALA A 587 18.24 -3.39 -5.96
N ILE A 588 17.14 -2.66 -5.94
CA ILE A 588 16.93 -1.62 -6.93
C ILE A 588 17.70 -0.36 -6.55
N ILE A 589 17.77 -0.05 -5.26
CA ILE A 589 18.47 1.13 -4.77
C ILE A 589 19.95 1.10 -5.12
N VAL A 590 20.58 -0.07 -5.03
CA VAL A 590 22.05 -0.17 -5.04
C VAL A 590 22.71 0.30 -6.34
N ASP A 591 21.96 0.37 -7.44
CA ASP A 591 22.55 0.66 -8.73
C ASP A 591 23.03 2.10 -8.83
N ALA A 592 22.28 3.03 -8.23
CA ALA A 592 22.58 4.44 -8.41
C ALA A 592 23.79 4.85 -7.58
N MET A 593 24.02 4.20 -6.46
CA MET A 593 25.27 4.37 -5.75
C MET A 593 26.38 3.52 -6.35
N ALA A 594 26.04 2.50 -7.12
CA ALA A 594 27.07 1.75 -7.82
C ALA A 594 27.63 2.54 -9.00
N ILE A 595 26.77 3.25 -9.72
CA ILE A 595 27.22 4.01 -10.89
C ILE A 595 27.91 5.29 -10.46
N LEU A 596 27.26 6.08 -9.63
CA LEU A 596 27.82 7.34 -9.18
C LEU A 596 28.60 7.17 -7.88
N ASN B 368 9.36 60.67 -11.10
CA ASN B 368 9.54 59.32 -10.56
C ASN B 368 9.55 59.35 -9.03
N ALA B 369 9.17 60.49 -8.47
CA ALA B 369 9.29 60.73 -7.03
C ALA B 369 8.32 59.86 -6.22
N MET B 370 7.02 60.09 -6.39
CA MET B 370 6.02 59.27 -5.71
C MET B 370 6.03 57.84 -6.25
N TYR B 371 6.48 57.66 -7.50
CA TYR B 371 6.74 56.35 -8.08
C TYR B 371 7.64 55.53 -7.17
N LEU B 372 8.87 56.00 -6.95
CA LEU B 372 9.78 55.25 -6.09
C LEU B 372 9.37 55.28 -4.62
N ALA B 373 8.68 56.32 -4.17
CA ALA B 373 8.29 56.39 -2.76
C ALA B 373 7.25 55.32 -2.42
N ILE B 374 6.14 55.32 -3.15
CA ILE B 374 5.13 54.30 -2.93
C ILE B 374 5.62 52.94 -3.38
N THR B 375 6.57 52.88 -4.32
CA THR B 375 7.19 51.61 -4.66
C THR B 375 8.01 51.06 -3.49
N ASN B 376 8.69 51.93 -2.75
CA ASN B 376 9.35 51.49 -1.51
C ASN B 376 8.33 50.98 -0.52
N ILE B 377 7.18 51.63 -0.45
CA ILE B 377 6.15 51.14 0.45
C ILE B 377 5.61 49.79 -0.02
N VAL B 378 5.63 49.54 -1.33
CA VAL B 378 5.30 48.21 -1.85
C VAL B 378 6.34 47.21 -1.40
N GLU B 379 7.61 47.55 -1.55
CA GLU B 379 8.62 46.57 -1.17
C GLU B 379 8.84 46.53 0.33
N SER B 380 8.11 47.33 1.10
CA SER B 380 8.16 47.26 2.54
C SER B 380 7.62 45.92 3.02
N SER B 381 8.40 45.26 3.88
CA SER B 381 8.03 43.97 4.43
C SER B 381 6.81 44.03 5.31
N PHE B 382 6.53 45.19 5.92
CA PHE B 382 5.27 45.40 6.60
C PHE B 382 4.10 45.19 5.65
N PHE B 383 4.18 45.78 4.45
CA PHE B 383 3.11 45.63 3.48
C PHE B 383 3.06 44.20 2.92
N THR B 384 4.21 43.64 2.55
CA THR B 384 4.21 42.35 1.89
C THR B 384 3.79 41.24 2.85
N LYS B 385 4.31 41.26 4.06
CA LYS B 385 3.87 40.34 5.08
C LYS B 385 2.42 40.60 5.48
N PHE B 386 1.96 41.86 5.38
CA PHE B 386 0.54 42.13 5.60
C PHE B 386 -0.32 41.46 4.54
N ILE B 387 0.17 41.43 3.30
CA ILE B 387 -0.54 40.71 2.23
C ILE B 387 -0.60 39.23 2.54
N THR B 388 0.48 38.67 3.06
CA THR B 388 0.45 37.24 3.40
C THR B 388 -0.45 36.96 4.61
N ILE B 389 -0.55 37.90 5.54
CA ILE B 389 -1.52 37.76 6.64
C ILE B 389 -2.94 37.84 6.11
N CYS B 390 -3.18 38.70 5.12
CA CYS B 390 -4.47 38.74 4.46
C CYS B 390 -4.74 37.44 3.72
N ILE B 391 -3.69 36.80 3.21
CA ILE B 391 -3.82 35.52 2.51
C ILE B 391 -4.24 34.43 3.47
N VAL B 392 -3.54 34.31 4.60
CA VAL B 392 -3.84 33.22 5.53
C VAL B 392 -5.17 33.48 6.22
N LEU B 393 -5.54 34.76 6.38
CA LEU B 393 -6.85 35.09 6.90
C LEU B 393 -7.94 34.79 5.88
N ASN B 394 -7.63 34.91 4.59
CA ASN B 394 -8.59 34.50 3.57
C ASN B 394 -8.77 32.99 3.58
N THR B 395 -7.69 32.25 3.82
CA THR B 395 -7.84 30.80 3.85
C THR B 395 -8.62 30.36 5.08
N LEU B 396 -8.44 31.07 6.19
CA LEU B 396 -9.28 30.77 7.35
C LEU B 396 -10.72 31.22 7.10
N PHE B 397 -10.89 32.26 6.28
CA PHE B 397 -12.23 32.64 5.85
C PHE B 397 -12.90 31.56 5.04
N MET B 398 -12.14 30.89 4.18
CA MET B 398 -12.66 29.70 3.53
C MET B 398 -12.76 28.51 4.47
N ALA B 399 -12.01 28.51 5.57
CA ALA B 399 -12.21 27.50 6.60
C ALA B 399 -13.47 27.75 7.40
N MET B 400 -14.07 28.92 7.23
CA MET B 400 -15.44 29.12 7.64
C MET B 400 -16.43 28.66 6.58
N GLU B 401 -16.05 27.73 5.71
CA GLU B 401 -17.04 27.01 4.90
C GLU B 401 -17.51 25.78 5.67
N HIS B 402 -18.37 26.03 6.64
CA HIS B 402 -19.14 24.96 7.23
C HIS B 402 -20.44 24.78 6.46
N HIS B 403 -21.06 23.65 6.66
CA HIS B 403 -22.48 23.54 6.34
C HIS B 403 -23.39 24.20 7.39
N PRO B 404 -23.13 24.15 8.74
CA PRO B 404 -24.03 24.87 9.67
C PRO B 404 -23.89 26.38 9.70
N MET B 405 -23.23 26.99 8.71
CA MET B 405 -23.33 28.44 8.56
C MET B 405 -24.75 28.82 8.19
N THR B 406 -25.14 30.02 8.57
CA THR B 406 -26.50 30.44 8.30
C THR B 406 -26.55 31.22 6.99
N GLU B 407 -27.76 31.35 6.45
CA GLU B 407 -27.94 32.05 5.19
C GLU B 407 -27.75 33.56 5.36
N GLU B 408 -28.18 34.10 6.50
CA GLU B 408 -27.92 35.50 6.78
C GLU B 408 -26.43 35.78 6.97
N PHE B 409 -25.73 34.88 7.67
CA PHE B 409 -24.29 35.02 7.81
C PHE B 409 -23.54 34.62 6.53
N LYS B 410 -24.22 34.01 5.57
CA LYS B 410 -23.57 33.69 4.30
C LYS B 410 -23.32 34.92 3.46
N ASN B 411 -24.14 35.96 3.63
CA ASN B 411 -24.00 37.16 2.81
C ASN B 411 -22.76 37.96 3.22
N VAL B 412 -22.47 38.00 4.53
CA VAL B 412 -21.24 38.64 4.96
C VAL B 412 -20.02 37.83 4.54
N LEU B 413 -20.15 36.50 4.44
CA LEU B 413 -19.10 35.68 3.86
C LEU B 413 -18.89 36.02 2.40
N ALA B 414 -19.97 36.29 1.68
CA ALA B 414 -19.87 36.67 0.27
C ALA B 414 -19.19 38.03 0.12
N ILE B 415 -19.54 39.00 0.96
CA ILE B 415 -18.91 40.31 0.83
C ILE B 415 -17.48 40.25 1.36
N GLY B 416 -17.17 39.29 2.25
CA GLY B 416 -15.79 39.11 2.67
C GLY B 416 -14.93 38.53 1.58
N ASN B 417 -15.48 37.58 0.80
CA ASN B 417 -14.78 37.09 -0.37
C ASN B 417 -14.61 38.19 -1.40
N LEU B 418 -15.64 39.03 -1.55
CA LEU B 418 -15.60 40.20 -2.42
C LEU B 418 -14.45 41.13 -2.04
N VAL B 419 -14.34 41.48 -0.76
CA VAL B 419 -13.33 42.46 -0.37
C VAL B 419 -11.95 41.83 -0.31
N PHE B 420 -11.86 40.52 -0.05
CA PHE B 420 -10.56 39.84 -0.10
C PHE B 420 -10.02 39.86 -1.52
N THR B 421 -10.85 39.47 -2.49
CA THR B 421 -10.46 39.54 -3.90
C THR B 421 -10.18 40.96 -4.35
N GLY B 422 -10.89 41.94 -3.77
CA GLY B 422 -10.59 43.33 -4.08
C GLY B 422 -9.22 43.74 -3.58
N ILE B 423 -8.85 43.29 -2.38
CA ILE B 423 -7.51 43.57 -1.85
C ILE B 423 -6.44 42.96 -2.72
N PHE B 424 -6.69 41.74 -3.21
CA PHE B 424 -5.70 41.10 -4.07
C PHE B 424 -5.59 41.80 -5.41
N ALA B 425 -6.73 42.24 -5.97
CA ALA B 425 -6.72 42.97 -7.22
C ALA B 425 -6.01 44.31 -7.07
N ALA B 426 -6.21 44.97 -5.92
CA ALA B 426 -5.50 46.21 -5.65
C ALA B 426 -4.01 45.98 -5.54
N GLU B 427 -3.62 44.86 -4.93
CA GLU B 427 -2.21 44.51 -4.81
C GLU B 427 -1.58 44.33 -6.17
N ILE B 428 -2.28 43.65 -7.08
CA ILE B 428 -1.67 43.38 -8.36
C ILE B 428 -1.68 44.62 -9.25
N ILE B 429 -2.70 45.49 -9.13
CA ILE B 429 -2.67 46.69 -9.97
C ILE B 429 -1.56 47.62 -9.50
N LEU B 430 -1.23 47.62 -8.22
CA LEU B 430 -0.03 48.37 -7.81
C LEU B 430 1.25 47.71 -8.30
N ARG B 431 1.30 46.36 -8.28
CA ARG B 431 2.53 45.69 -8.71
C ARG B 431 2.77 45.85 -10.21
N ILE B 432 1.72 46.13 -10.97
CA ILE B 432 1.92 46.37 -12.39
C ILE B 432 2.03 47.86 -12.67
N TYR B 433 1.54 48.71 -11.76
CA TYR B 433 1.79 50.13 -11.91
C TYR B 433 3.26 50.44 -11.71
N VAL B 434 3.95 49.62 -10.93
CA VAL B 434 5.39 49.72 -10.90
C VAL B 434 5.97 49.05 -12.15
N HIS B 435 5.79 47.74 -12.27
CA HIS B 435 6.54 46.95 -13.24
C HIS B 435 5.76 46.76 -14.52
N ARG B 436 6.41 47.00 -15.66
CA ARG B 436 5.78 46.71 -16.94
C ARG B 436 6.00 45.24 -17.36
N ILE B 437 7.24 44.87 -17.64
CA ILE B 437 7.58 43.51 -18.07
C ILE B 437 8.56 42.86 -17.11
N SER B 438 9.12 43.62 -16.18
CA SER B 438 10.16 43.12 -15.29
C SER B 438 9.62 42.07 -14.33
N PHE B 439 8.43 42.31 -13.76
CA PHE B 439 7.77 41.27 -13.00
C PHE B 439 7.27 40.16 -13.90
N PHE B 440 6.99 40.45 -15.17
CA PHE B 440 6.41 39.48 -16.08
C PHE B 440 7.43 38.48 -16.57
N LYS B 441 8.72 38.81 -16.48
CA LYS B 441 9.73 37.77 -16.67
C LYS B 441 9.68 36.76 -15.54
N ASP B 442 9.42 37.22 -14.32
CA ASP B 442 9.36 36.32 -13.18
C ASP B 442 8.10 35.47 -13.21
N PRO B 443 8.21 34.14 -13.26
CA PRO B 443 7.00 33.31 -13.32
C PRO B 443 6.23 33.26 -12.02
N TRP B 444 6.83 33.63 -10.89
CA TRP B 444 6.08 33.65 -9.64
C TRP B 444 5.04 34.76 -9.65
N SER B 445 5.45 35.95 -10.10
CA SER B 445 4.51 37.05 -10.30
C SER B 445 3.44 36.71 -11.32
N LEU B 446 3.83 35.96 -12.37
CA LEU B 446 2.84 35.51 -13.35
C LEU B 446 1.85 34.55 -12.72
N PHE B 447 2.32 33.73 -11.78
CA PHE B 447 1.42 32.82 -11.08
C PHE B 447 0.41 33.60 -10.24
N ASP B 448 0.89 34.63 -9.52
CA ASP B 448 0.01 35.44 -8.69
C ASP B 448 -1.02 36.17 -9.53
N PHE B 449 -0.55 36.83 -10.60
CA PHE B 449 -1.42 37.56 -11.51
C PHE B 449 -2.44 36.64 -12.15
N PHE B 450 -2.00 35.44 -12.57
CA PHE B 450 -2.87 34.51 -13.26
C PHE B 450 -3.98 34.02 -12.35
N VAL B 451 -3.64 33.74 -11.09
CA VAL B 451 -4.67 33.18 -10.24
C VAL B 451 -5.64 34.26 -9.77
N VAL B 452 -5.18 35.50 -9.61
CA VAL B 452 -6.15 36.51 -9.20
C VAL B 452 -6.99 36.96 -10.38
N THR B 453 -6.46 36.88 -11.60
CA THR B 453 -7.33 37.14 -12.75
C THR B 453 -8.32 36.01 -12.96
N LEU B 454 -7.96 34.78 -12.61
CA LEU B 454 -8.94 33.72 -12.68
C LEU B 454 -10.01 33.90 -11.62
N SER B 455 -9.62 34.43 -10.46
CA SER B 455 -10.60 34.88 -9.47
C SER B 455 -11.49 35.99 -10.02
N LEU B 456 -10.94 36.87 -10.86
CA LEU B 456 -11.78 37.88 -11.46
C LEU B 456 -12.68 37.34 -12.56
N VAL B 457 -12.26 36.28 -13.25
CA VAL B 457 -13.17 35.65 -14.20
C VAL B 457 -14.28 34.93 -13.45
N GLU B 458 -13.98 34.42 -12.25
CA GLU B 458 -15.05 34.01 -11.34
C GLU B 458 -15.95 35.19 -11.01
N LEU B 459 -15.35 36.36 -10.84
CA LEU B 459 -16.08 37.62 -10.74
C LEU B 459 -16.50 38.18 -12.10
N PHE B 460 -16.59 37.35 -13.14
CA PHE B 460 -17.04 37.76 -14.47
C PHE B 460 -17.98 36.72 -15.08
N LEU B 461 -18.99 36.29 -14.32
CA LEU B 461 -20.12 35.47 -14.82
C LEU B 461 -19.70 34.08 -15.32
N ALA B 462 -18.51 33.62 -14.99
CA ALA B 462 -18.06 32.36 -15.53
C ALA B 462 -18.47 31.22 -14.60
N ASP B 463 -18.52 30.01 -15.16
CA ASP B 463 -18.76 28.81 -14.37
C ASP B 463 -17.43 28.32 -13.83
N VAL B 464 -16.92 29.07 -12.87
CA VAL B 464 -15.83 28.62 -12.02
C VAL B 464 -16.45 27.76 -10.92
N GLU B 465 -16.05 26.50 -10.85
CA GLU B 465 -16.61 25.60 -9.86
C GLU B 465 -16.10 26.02 -8.49
N GLY B 466 -14.78 25.89 -8.31
CA GLY B 466 -14.14 26.33 -7.09
C GLY B 466 -12.74 26.80 -7.39
N LEU B 467 -12.46 27.01 -8.68
CA LEU B 467 -11.12 27.40 -9.15
C LEU B 467 -10.69 28.76 -8.59
N SER B 468 -11.65 29.55 -8.12
CA SER B 468 -11.37 30.80 -7.42
C SER B 468 -10.45 30.58 -6.22
N VAL B 469 -10.73 29.54 -5.41
CA VAL B 469 -9.87 29.35 -4.25
C VAL B 469 -8.63 28.54 -4.63
N LEU B 470 -8.34 28.44 -5.93
CA LEU B 470 -6.96 28.26 -6.37
C LEU B 470 -6.04 29.36 -5.83
N ARG B 471 -6.59 30.56 -5.52
CA ARG B 471 -5.83 31.57 -4.77
C ARG B 471 -5.43 31.12 -3.38
N SER B 472 -6.04 30.03 -2.86
CA SER B 472 -5.53 29.38 -1.66
C SER B 472 -4.08 28.96 -1.84
N PHE B 473 -3.70 28.58 -3.05
CA PHE B 473 -2.33 28.25 -3.38
C PHE B 473 -1.37 29.41 -3.17
N ARG B 474 -1.87 30.64 -3.08
CA ARG B 474 -1.04 31.78 -2.71
C ARG B 474 -0.45 31.63 -1.32
N LEU B 475 -1.10 30.85 -0.45
CA LEU B 475 -0.56 30.46 0.84
C LEU B 475 0.79 29.76 0.74
N LEU B 476 1.11 29.18 -0.42
CA LEU B 476 2.43 28.59 -0.64
C LEU B 476 3.57 29.59 -0.60
N ARG B 477 3.29 30.90 -0.64
CA ARG B 477 4.34 31.87 -0.38
C ARG B 477 4.83 31.82 1.06
N LEU B 478 3.98 31.38 1.99
CA LEU B 478 4.43 31.02 3.34
C LEU B 478 5.42 29.88 3.30
N PHE B 479 5.31 29.01 2.30
CA PHE B 479 6.33 28.02 2.01
C PHE B 479 7.70 28.66 1.80
N ARG B 480 7.72 29.85 1.18
CA ARG B 480 8.94 30.62 1.03
C ARG B 480 9.48 31.18 2.34
N ALA B 481 8.74 31.07 3.44
CA ALA B 481 9.30 31.30 4.75
C ALA B 481 9.57 30.02 5.53
N VAL B 482 8.96 28.90 5.16
CA VAL B 482 9.11 27.69 5.98
C VAL B 482 10.42 26.99 5.70
N THR B 483 11.15 27.41 4.66
CA THR B 483 12.47 26.88 4.36
C THR B 483 13.52 27.26 5.40
N ALA B 484 13.18 28.13 6.36
CA ALA B 484 14.11 28.63 7.37
C ALA B 484 14.57 27.56 8.36
N VAL B 485 13.94 26.40 8.40
CA VAL B 485 14.46 25.26 9.17
C VAL B 485 15.62 24.70 8.35
N PRO B 486 16.77 24.40 8.96
CA PRO B 486 17.96 24.02 8.18
C PRO B 486 17.85 22.72 7.40
N GLN B 487 16.95 21.81 7.78
CA GLN B 487 16.74 20.63 6.93
C GLN B 487 15.92 20.97 5.71
N MET B 488 14.97 21.90 5.85
CA MET B 488 14.06 22.29 4.79
C MET B 488 14.75 22.99 3.64
N ARG B 489 15.90 23.63 3.89
CA ARG B 489 16.74 24.14 2.81
C ARG B 489 17.15 23.01 1.88
N LYS B 490 17.70 21.94 2.45
CA LYS B 490 18.09 20.77 1.67
C LYS B 490 16.89 20.12 1.02
N ILE B 491 15.74 20.15 1.71
CA ILE B 491 14.54 19.52 1.19
C ILE B 491 14.01 20.26 -0.04
N VAL B 492 14.02 21.59 0.00
CA VAL B 492 13.47 22.34 -1.12
C VAL B 492 14.44 22.36 -2.29
N SER B 493 15.75 22.44 -2.00
CA SER B 493 16.75 22.27 -3.06
C SER B 493 16.65 20.89 -3.68
N ALA B 494 16.33 19.88 -2.85
CA ALA B 494 16.17 18.52 -3.33
C ALA B 494 14.96 18.38 -4.25
N LEU B 495 13.82 18.94 -3.85
CA LEU B 495 12.60 18.84 -4.65
C LEU B 495 12.74 19.58 -5.96
N ILE B 496 13.34 20.78 -5.90
CA ILE B 496 13.55 21.58 -7.11
C ILE B 496 14.57 20.91 -8.01
N SER B 497 15.52 20.18 -7.44
CA SER B 497 16.47 19.40 -8.20
C SER B 497 15.86 18.19 -8.87
N VAL B 498 14.89 17.54 -8.23
CA VAL B 498 14.35 16.29 -8.79
C VAL B 498 13.07 16.49 -9.60
N ILE B 499 12.60 17.73 -9.75
CA ILE B 499 11.49 17.98 -10.70
C ILE B 499 11.72 17.41 -12.11
N PRO B 500 12.88 17.66 -12.83
CA PRO B 500 12.93 17.23 -14.24
C PRO B 500 12.99 15.74 -14.49
N GLY B 501 13.75 15.03 -13.65
CA GLY B 501 13.80 13.58 -13.76
C GLY B 501 12.46 12.93 -13.46
N MET B 502 11.72 13.50 -12.51
CA MET B 502 10.37 13.01 -12.25
C MET B 502 9.44 13.29 -13.40
N LEU B 503 9.61 14.43 -14.09
CA LEU B 503 8.81 14.68 -15.28
C LEU B 503 9.10 13.64 -16.36
N SER B 504 10.37 13.24 -16.48
CA SER B 504 10.73 12.21 -17.44
C SER B 504 10.14 10.85 -17.07
N VAL B 505 10.14 10.51 -15.78
CA VAL B 505 9.58 9.21 -15.42
C VAL B 505 8.06 9.21 -15.46
N ILE B 506 7.42 10.37 -15.28
CA ILE B 506 5.99 10.49 -15.55
C ILE B 506 5.72 10.25 -17.02
N ALA B 507 6.59 10.78 -17.88
CA ALA B 507 6.42 10.56 -19.32
C ALA B 507 6.52 9.09 -19.69
N LEU B 508 7.52 8.39 -19.16
CA LEU B 508 7.71 6.99 -19.53
C LEU B 508 6.60 6.11 -18.93
N MET B 509 6.20 6.37 -17.69
CA MET B 509 5.14 5.59 -17.09
C MET B 509 3.80 5.85 -17.76
N THR B 510 3.57 7.08 -18.25
CA THR B 510 2.36 7.33 -19.00
C THR B 510 2.39 6.64 -20.35
N LEU B 511 3.57 6.48 -20.93
CA LEU B 511 3.68 5.71 -22.17
C LEU B 511 3.32 4.25 -21.93
N PHE B 512 3.80 3.69 -20.82
CA PHE B 512 3.44 2.33 -20.42
C PHE B 512 1.95 2.19 -20.23
N PHE B 513 1.35 3.13 -19.51
CA PHE B 513 -0.09 3.18 -19.36
C PHE B 513 -0.80 3.28 -20.69
N TYR B 514 -0.23 4.00 -21.63
CA TYR B 514 -0.88 4.22 -22.90
C TYR B 514 -1.00 2.93 -23.68
N ILE B 515 0.11 2.21 -23.81
CA ILE B 515 0.05 0.98 -24.59
C ILE B 515 -0.75 -0.09 -23.85
N PHE B 516 -0.64 -0.14 -22.52
CA PHE B 516 -1.36 -1.16 -21.78
C PHE B 516 -2.85 -0.89 -21.78
N ALA B 517 -3.25 0.37 -21.69
CA ALA B 517 -4.67 0.67 -21.67
C ALA B 517 -5.28 0.50 -23.03
N ILE B 518 -4.50 0.73 -24.09
CA ILE B 518 -5.01 0.44 -25.43
C ILE B 518 -5.26 -1.05 -25.59
N MET B 519 -4.32 -1.87 -25.11
CA MET B 519 -4.53 -3.32 -25.11
C MET B 519 -5.75 -3.71 -24.30
N ALA B 520 -5.93 -3.09 -23.14
CA ALA B 520 -7.03 -3.45 -22.27
C ALA B 520 -8.37 -3.05 -22.86
N THR B 521 -8.45 -1.87 -23.44
CA THR B 521 -9.73 -1.43 -23.96
C THR B 521 -10.07 -2.09 -25.29
N GLN B 522 -9.08 -2.69 -25.95
CA GLN B 522 -9.47 -3.59 -27.03
C GLN B 522 -9.90 -4.94 -26.49
N LEU B 523 -9.25 -5.41 -25.43
CA LEU B 523 -9.52 -6.75 -24.91
C LEU B 523 -10.90 -6.84 -24.26
N PHE B 524 -11.11 -6.07 -23.20
CA PHE B 524 -12.25 -6.26 -22.31
C PHE B 524 -13.32 -5.21 -22.51
N GLY B 525 -13.51 -4.74 -23.74
CA GLY B 525 -14.50 -3.70 -23.95
C GLY B 525 -15.91 -4.23 -23.96
N GLU B 526 -16.09 -5.50 -24.30
CA GLU B 526 -17.43 -5.94 -24.65
C GLU B 526 -18.28 -6.29 -23.44
N ARG B 527 -17.84 -7.22 -22.59
CA ARG B 527 -18.72 -7.76 -21.56
C ARG B 527 -18.99 -6.79 -20.43
N PHE B 528 -18.08 -5.86 -20.20
CA PHE B 528 -18.36 -4.74 -19.32
C PHE B 528 -17.61 -3.51 -19.76
N PRO B 529 -18.32 -2.48 -20.20
CA PRO B 529 -17.68 -1.22 -20.57
C PRO B 529 -17.63 -0.19 -19.46
N GLU B 530 -18.12 -0.52 -18.26
CA GLU B 530 -18.04 0.41 -17.15
C GLU B 530 -16.60 0.64 -16.74
N TRP B 531 -15.75 -0.35 -16.91
CA TRP B 531 -14.34 -0.20 -16.58
C TRP B 531 -13.46 -0.06 -17.79
N PHE B 532 -13.89 -0.55 -18.96
CA PHE B 532 -13.01 -0.58 -20.12
C PHE B 532 -13.70 -0.24 -21.43
N GLY B 533 -14.77 0.55 -21.41
CA GLY B 533 -15.46 0.86 -22.65
C GLY B 533 -14.71 1.84 -23.52
N THR B 534 -14.37 2.99 -22.97
CA THR B 534 -13.66 4.03 -23.69
C THR B 534 -12.16 3.83 -23.51
N LEU B 535 -11.38 4.83 -23.86
CA LEU B 535 -10.02 4.87 -23.40
C LEU B 535 -9.87 5.71 -22.13
N GLY B 536 -10.77 6.67 -21.91
CA GLY B 536 -10.69 7.45 -20.69
C GLY B 536 -10.96 6.61 -19.45
N GLU B 537 -11.99 5.79 -19.50
CA GLU B 537 -12.33 5.03 -18.31
C GLU B 537 -11.46 3.78 -18.18
N SER B 538 -11.00 3.21 -19.29
CA SER B 538 -10.02 2.13 -19.19
C SER B 538 -8.70 2.64 -18.66
N PHE B 539 -8.33 3.85 -19.03
CA PHE B 539 -7.11 4.44 -18.53
C PHE B 539 -7.23 4.74 -17.04
N TYR B 540 -8.40 5.21 -16.61
CA TYR B 540 -8.61 5.40 -15.18
C TYR B 540 -8.60 4.06 -14.44
N THR B 541 -9.13 3.03 -15.08
CA THR B 541 -9.14 1.72 -14.43
C THR B 541 -7.74 1.17 -14.26
N LEU B 542 -6.87 1.39 -15.24
CA LEU B 542 -5.50 0.97 -15.02
C LEU B 542 -4.75 1.86 -14.06
N PHE B 543 -5.19 3.09 -13.86
CA PHE B 543 -4.60 3.78 -12.73
C PHE B 543 -5.08 3.20 -11.42
N GLN B 544 -6.30 2.68 -11.38
CA GLN B 544 -6.76 2.04 -10.16
C GLN B 544 -5.99 0.76 -9.88
N VAL B 545 -5.80 -0.07 -10.90
CA VAL B 545 -5.02 -1.29 -10.72
C VAL B 545 -3.55 -0.98 -10.49
N MET B 546 -3.10 0.22 -10.84
CA MET B 546 -1.74 0.62 -10.49
C MET B 546 -1.56 0.73 -8.99
N THR B 547 -2.51 1.33 -8.28
CA THR B 547 -2.25 1.68 -6.89
C THR B 547 -2.63 0.58 -5.92
N LEU B 548 -2.83 -0.64 -6.43
CA LEU B 548 -3.07 -1.85 -5.63
C LEU B 548 -4.27 -1.67 -4.74
N GLU B 549 -5.42 -1.46 -5.35
CA GLU B 549 -6.64 -1.31 -4.58
C GLU B 549 -7.78 -1.96 -5.34
N SER B 550 -8.32 -3.03 -4.77
CA SER B 550 -9.44 -3.80 -5.29
C SER B 550 -9.25 -4.23 -6.71
N TRP B 551 -8.02 -4.47 -7.11
CA TRP B 551 -7.86 -5.12 -8.39
C TRP B 551 -8.35 -6.55 -8.29
N SER B 552 -8.12 -7.18 -7.16
CA SER B 552 -8.57 -8.56 -7.02
C SER B 552 -10.07 -8.64 -6.83
N MET B 553 -10.59 -8.13 -5.72
CA MET B 553 -11.99 -8.34 -5.41
C MET B 553 -12.88 -7.48 -6.27
N GLY B 554 -12.46 -6.29 -6.59
CA GLY B 554 -13.33 -5.41 -7.34
C GLY B 554 -13.23 -5.60 -8.83
N ILE B 555 -12.04 -5.98 -9.32
CA ILE B 555 -11.83 -5.97 -10.77
C ILE B 555 -11.55 -7.35 -11.34
N VAL B 556 -10.44 -7.96 -10.95
CA VAL B 556 -9.94 -9.11 -11.71
C VAL B 556 -10.79 -10.34 -11.46
N ARG B 557 -11.36 -10.49 -10.28
CA ARG B 557 -12.20 -11.65 -10.03
C ARG B 557 -13.51 -11.62 -10.84
N PRO B 558 -14.14 -10.45 -11.09
CA PRO B 558 -15.14 -10.43 -12.16
C PRO B 558 -14.63 -10.81 -13.53
N LEU B 559 -13.38 -10.53 -13.87
CA LEU B 559 -12.89 -10.98 -15.17
C LEU B 559 -12.68 -12.48 -15.20
N MET B 560 -12.19 -13.05 -14.11
CA MET B 560 -12.05 -14.50 -14.00
C MET B 560 -13.39 -15.20 -14.03
N GLU B 561 -14.46 -14.49 -13.66
CA GLU B 561 -15.79 -15.02 -13.90
C GLU B 561 -16.10 -15.18 -15.38
N VAL B 562 -15.46 -14.42 -16.26
CA VAL B 562 -15.73 -14.57 -17.68
C VAL B 562 -14.49 -15.04 -18.41
N TYR B 563 -13.42 -14.25 -18.39
CA TYR B 563 -12.21 -14.59 -19.13
C TYR B 563 -11.23 -15.23 -18.18
N PRO B 564 -10.93 -16.51 -18.29
CA PRO B 564 -9.98 -17.14 -17.37
C PRO B 564 -8.52 -16.91 -17.72
N TYR B 565 -8.21 -16.04 -18.67
CA TYR B 565 -6.82 -15.77 -19.01
C TYR B 565 -6.55 -14.28 -19.07
N ALA B 566 -7.00 -13.55 -18.06
CA ALA B 566 -6.63 -12.14 -17.95
C ALA B 566 -5.76 -11.88 -16.74
N TRP B 567 -5.61 -12.85 -15.86
CA TRP B 567 -4.62 -12.68 -14.81
C TRP B 567 -3.23 -12.67 -15.39
N VAL B 568 -3.00 -13.44 -16.46
CA VAL B 568 -1.76 -13.36 -17.19
C VAL B 568 -1.59 -12.04 -17.91
N PHE B 569 -2.64 -11.24 -18.03
CA PHE B 569 -2.44 -9.87 -18.44
C PHE B 569 -2.09 -9.00 -17.25
N PHE B 570 -2.81 -9.16 -16.15
CA PHE B 570 -2.74 -8.13 -15.12
C PHE B 570 -1.51 -8.26 -14.24
N ILE B 571 -1.09 -9.47 -13.93
CA ILE B 571 0.07 -9.69 -13.04
C ILE B 571 1.38 -9.13 -13.60
N PRO B 572 1.74 -9.33 -14.89
CA PRO B 572 2.95 -8.65 -15.36
C PRO B 572 2.83 -7.14 -15.40
N PHE B 573 1.61 -6.64 -15.52
CA PHE B 573 1.41 -5.20 -15.42
C PHE B 573 1.74 -4.70 -14.03
N ILE B 574 1.33 -5.45 -13.00
CA ILE B 574 1.63 -5.08 -11.62
C ILE B 574 3.13 -5.11 -11.40
N PHE B 575 3.82 -6.11 -11.96
CA PHE B 575 5.27 -6.17 -11.81
C PHE B 575 5.97 -5.00 -12.49
N VAL B 576 5.56 -4.66 -13.70
CA VAL B 576 6.30 -3.63 -14.42
C VAL B 576 6.03 -2.24 -13.85
N VAL B 577 4.84 -2.00 -13.30
CA VAL B 577 4.63 -0.65 -12.82
C VAL B 577 5.04 -0.51 -11.35
N THR B 578 5.02 -1.61 -10.58
CA THR B 578 5.71 -1.60 -9.29
C THR B 578 7.21 -1.37 -9.47
N PHE B 579 7.78 -1.97 -10.51
CA PHE B 579 9.15 -1.70 -10.92
C PHE B 579 9.39 -0.22 -11.20
N VAL B 580 8.52 0.37 -12.02
CA VAL B 580 8.72 1.77 -12.45
C VAL B 580 8.52 2.73 -11.28
N MET B 581 7.53 2.48 -10.42
CA MET B 581 7.31 3.34 -9.26
C MET B 581 8.44 3.23 -8.25
N ILE B 582 9.00 2.03 -8.06
CA ILE B 582 10.15 1.92 -7.18
C ILE B 582 11.36 2.61 -7.80
N ASN B 583 11.46 2.60 -9.14
CA ASN B 583 12.51 3.35 -9.82
C ASN B 583 12.37 4.85 -9.61
N LEU B 584 11.12 5.32 -9.56
CA LEU B 584 10.86 6.72 -9.20
C LEU B 584 11.37 7.01 -7.80
N VAL B 585 11.13 6.09 -6.86
CA VAL B 585 11.59 6.28 -5.49
C VAL B 585 13.12 6.33 -5.44
N VAL B 586 13.79 5.56 -6.31
CA VAL B 586 15.25 5.56 -6.35
C VAL B 586 15.77 6.88 -6.89
N ALA B 587 15.18 7.37 -7.98
CA ALA B 587 15.62 8.65 -8.49
C ALA B 587 15.18 9.82 -7.62
N ILE B 588 14.31 9.57 -6.65
CA ILE B 588 14.10 10.55 -5.59
C ILE B 588 15.20 10.43 -4.54
N ILE B 589 15.66 9.20 -4.27
CA ILE B 589 16.70 8.96 -3.27
C ILE B 589 18.01 9.65 -3.64
N VAL B 590 18.35 9.64 -4.93
CA VAL B 590 19.71 9.99 -5.37
C VAL B 590 20.13 11.43 -5.06
N ASP B 591 19.17 12.32 -4.81
CA ASP B 591 19.49 13.74 -4.67
C ASP B 591 20.23 14.02 -3.37
N ALA B 592 19.88 13.31 -2.30
CA ALA B 592 20.44 13.63 -0.99
C ALA B 592 21.87 13.14 -0.87
N MET B 593 22.21 12.06 -1.57
CA MET B 593 23.60 11.68 -1.68
C MET B 593 24.32 12.48 -2.77
N ALA B 594 23.58 13.10 -3.69
CA ALA B 594 24.21 13.98 -4.66
C ALA B 594 24.64 15.30 -4.01
N ILE B 595 23.82 15.84 -3.12
CA ILE B 595 24.12 17.11 -2.48
C ILE B 595 25.16 16.93 -1.39
N LEU B 596 24.92 16.00 -0.48
CA LEU B 596 25.85 15.77 0.61
C LEU B 596 26.86 14.68 0.28
N ASN C 368 19.26 16.57 57.04
CA ASN C 368 19.26 16.00 55.69
C ASN C 368 19.65 14.52 55.73
N ALA C 369 19.67 13.95 56.94
CA ALA C 369 20.16 12.60 57.15
C ALA C 369 19.26 11.54 56.53
N MET C 370 18.03 11.42 57.04
CA MET C 370 17.08 10.47 56.47
C MET C 370 16.65 10.91 55.09
N TYR C 371 16.73 12.21 54.80
CA TYR C 371 16.57 12.77 53.45
C TYR C 371 17.46 12.03 52.46
N LEU C 372 18.78 12.12 52.65
CA LEU C 372 19.68 11.45 51.72
C LEU C 372 19.65 9.94 51.86
N ALA C 373 19.32 9.40 53.04
CA ALA C 373 19.30 7.94 53.19
C ALA C 373 18.17 7.31 52.38
N ILE C 374 16.94 7.77 52.62
CA ILE C 374 15.81 7.26 51.87
C ILE C 374 15.88 7.72 50.42
N THR C 375 16.54 8.84 50.15
CA THR C 375 16.78 9.24 48.77
C THR C 375 17.72 8.27 48.05
N ASN C 376 18.73 7.75 48.75
CA ASN C 376 19.55 6.68 48.20
C ASN C 376 18.71 5.44 47.94
N ILE C 377 17.78 5.15 48.83
CA ILE C 377 16.90 4.01 48.58
C ILE C 377 15.99 4.26 47.39
N VAL C 378 15.65 5.53 47.13
CA VAL C 378 14.93 5.86 45.90
C VAL C 378 15.81 5.60 44.70
N GLU C 379 17.04 6.07 44.74
CA GLU C 379 17.87 5.87 43.57
C GLU C 379 18.44 4.46 43.49
N SER C 380 18.10 3.60 44.44
CA SER C 380 18.47 2.20 44.37
C SER C 380 17.78 1.53 43.20
N SER C 381 18.59 0.83 42.40
CA SER C 381 18.09 0.14 41.23
C SER C 381 17.15 -0.99 41.57
N PHE C 382 17.29 -1.58 42.77
CA PHE C 382 16.29 -2.53 43.26
C PHE C 382 14.91 -1.88 43.30
N PHE C 383 14.83 -0.67 43.85
CA PHE C 383 13.56 0.04 43.93
C PHE C 383 13.07 0.48 42.55
N THR C 384 13.95 1.05 41.75
CA THR C 384 13.52 1.62 40.47
C THR C 384 13.10 0.53 39.50
N LYS C 385 13.90 -0.53 39.41
CA LYS C 385 13.51 -1.69 38.62
C LYS C 385 12.30 -2.38 39.21
N PHE C 386 12.10 -2.32 40.53
CA PHE C 386 10.88 -2.84 41.12
C PHE C 386 9.66 -2.04 40.65
N ILE C 387 9.82 -0.74 40.50
CA ILE C 387 8.74 0.09 39.94
C ILE C 387 8.44 -0.31 38.52
N THR C 388 9.47 -0.61 37.74
CA THR C 388 9.22 -1.03 36.35
C THR C 388 8.58 -2.43 36.30
N ILE C 389 8.91 -3.30 37.25
CA ILE C 389 8.24 -4.59 37.33
C ILE C 389 6.78 -4.40 37.72
N CYS C 390 6.50 -3.45 38.60
CA CYS C 390 5.13 -3.10 38.92
C CYS C 390 4.42 -2.53 37.71
N ILE C 391 5.15 -1.82 36.85
CA ILE C 391 4.59 -1.25 35.63
C ILE C 391 4.18 -2.35 34.67
N VAL C 392 5.09 -3.30 34.41
CA VAL C 392 4.79 -4.34 33.42
C VAL C 392 3.75 -5.30 33.98
N LEU C 393 3.71 -5.45 35.31
CA LEU C 393 2.67 -6.24 35.93
C LEU C 393 1.33 -5.52 35.87
N ASN C 394 1.34 -4.18 35.91
CA ASN C 394 0.10 -3.44 35.71
C ASN C 394 -0.39 -3.58 34.28
N THR C 395 0.53 -3.62 33.32
CA THR C 395 0.08 -3.77 31.94
C THR C 395 -0.46 -5.17 31.71
N LEU C 396 0.13 -6.17 32.36
CA LEU C 396 -0.46 -7.50 32.27
C LEU C 396 -1.78 -7.56 33.03
N PHE C 397 -1.92 -6.74 34.06
CA PHE C 397 -3.20 -6.61 34.74
C PHE C 397 -4.27 -6.04 33.83
N MET C 398 -3.90 -5.07 33.00
CA MET C 398 -4.81 -4.64 31.95
C MET C 398 -4.92 -5.65 30.81
N ALA C 399 -3.95 -6.54 30.66
CA ALA C 399 -4.12 -7.65 29.73
C ALA C 399 -5.07 -8.70 30.27
N MET C 400 -5.42 -8.61 31.54
CA MET C 400 -6.58 -9.31 32.04
C MET C 400 -7.87 -8.52 31.80
N GLU C 401 -7.91 -7.65 30.80
CA GLU C 401 -9.20 -7.15 30.32
C GLU C 401 -9.73 -8.08 29.22
N HIS C 402 -10.26 -9.19 29.68
CA HIS C 402 -11.08 -10.02 28.82
C HIS C 402 -12.52 -9.57 28.93
N HIS C 403 -13.31 -9.99 27.97
CA HIS C 403 -14.76 -10.02 28.17
C HIS C 403 -15.24 -11.20 29.03
N PRO C 404 -14.67 -12.45 28.93
CA PRO C 404 -15.14 -13.50 29.85
C PRO C 404 -14.68 -13.41 31.29
N MET C 405 -14.16 -12.27 31.72
CA MET C 405 -13.98 -12.05 33.15
C MET C 405 -15.34 -11.99 33.85
N THR C 406 -15.35 -12.38 35.11
CA THR C 406 -16.62 -12.40 35.82
C THR C 406 -16.80 -11.09 36.57
N GLU C 407 -18.05 -10.84 36.97
CA GLU C 407 -18.37 -9.60 37.68
C GLU C 407 -17.82 -9.63 39.10
N GLU C 408 -17.84 -10.81 39.74
CA GLU C 408 -17.23 -10.92 41.06
C GLU C 408 -15.71 -10.76 40.99
N PHE C 409 -15.08 -11.33 39.97
CA PHE C 409 -13.65 -11.12 39.78
C PHE C 409 -13.33 -9.74 39.21
N LYS C 410 -14.33 -8.99 38.76
CA LYS C 410 -14.10 -7.64 38.28
C LYS C 410 -13.79 -6.69 39.42
N ASN C 411 -14.31 -6.97 40.62
CA ASN C 411 -14.10 -6.07 41.75
C ASN C 411 -12.66 -6.14 42.26
N VAL C 412 -12.06 -7.33 42.24
CA VAL C 412 -10.65 -7.44 42.59
C VAL C 412 -9.79 -6.79 41.52
N LEU C 413 -10.22 -6.82 40.25
CA LEU C 413 -9.53 -6.06 39.21
C LEU C 413 -9.60 -4.57 39.49
N ALA C 414 -10.74 -4.10 39.99
CA ALA C 414 -10.90 -2.69 40.32
C ALA C 414 -10.00 -2.29 41.49
N ILE C 415 -9.93 -3.13 42.53
CA ILE C 415 -9.07 -2.78 43.65
C ILE C 415 -7.60 -2.97 43.27
N GLY C 416 -7.30 -3.83 42.29
CA GLY C 416 -5.95 -3.93 41.81
C GLY C 416 -5.51 -2.70 41.04
N ASN C 417 -6.41 -2.15 40.23
CA ASN C 417 -6.13 -0.87 39.58
C ASN C 417 -5.98 0.23 40.61
N LEU C 418 -6.82 0.20 41.65
CA LEU C 418 -6.73 1.12 42.78
C LEU C 418 -5.35 1.08 43.44
N VAL C 419 -4.87 -0.11 43.77
CA VAL C 419 -3.61 -0.21 44.49
C VAL C 419 -2.42 0.01 43.56
N PHE C 420 -2.55 -0.31 42.27
CA PHE C 420 -1.49 0.01 41.33
C PHE C 420 -1.30 1.51 41.20
N THR C 421 -2.41 2.25 41.01
CA THR C 421 -2.35 3.70 40.97
C THR C 421 -1.90 4.29 42.28
N GLY C 422 -2.22 3.64 43.40
CA GLY C 422 -1.70 4.08 44.69
C GLY C 422 -0.20 3.94 44.78
N ILE C 423 0.34 2.82 44.28
CA ILE C 423 1.79 2.64 44.26
C ILE C 423 2.47 3.69 43.40
N PHE C 424 1.85 4.04 42.27
CA PHE C 424 2.45 5.05 41.42
C PHE C 424 2.38 6.43 42.08
N ALA C 425 1.27 6.73 42.74
CA ALA C 425 1.14 8.00 43.43
C ALA C 425 2.13 8.10 44.59
N ALA C 426 2.36 6.98 45.28
CA ALA C 426 3.36 6.95 46.34
C ALA C 426 4.75 7.18 45.78
N GLU C 427 5.02 6.60 44.61
CA GLU C 427 6.31 6.79 43.96
C GLU C 427 6.54 8.25 43.62
N ILE C 428 5.52 8.92 43.10
CA ILE C 428 5.73 10.30 42.69
C ILE C 428 5.77 11.24 43.89
N ILE C 429 5.03 10.94 44.97
CA ILE C 429 5.12 11.83 46.13
C ILE C 429 6.48 11.69 46.80
N LEU C 430 7.11 10.52 46.73
CA LEU C 430 8.49 10.45 47.19
C LEU C 430 9.44 11.17 46.26
N ARG C 431 9.22 11.09 44.94
CA ARG C 431 10.13 11.74 44.00
C ARG C 431 10.04 13.26 44.09
N ILE C 432 8.91 13.77 44.59
CA ILE C 432 8.83 15.21 44.76
C ILE C 432 9.18 15.61 46.18
N TYR C 433 9.11 14.68 47.13
CA TYR C 433 9.62 14.96 48.47
C TYR C 433 11.12 15.12 48.43
N VAL C 434 11.80 14.45 47.50
CA VAL C 434 13.19 14.78 47.26
C VAL C 434 13.29 16.07 46.47
N HIS C 435 12.81 16.07 45.23
CA HIS C 435 13.13 17.14 44.29
C HIS C 435 12.04 18.19 44.25
N ARG C 436 12.43 19.45 44.33
CA ARG C 436 11.48 20.54 44.18
C ARG C 436 11.26 20.90 42.71
N ILE C 437 12.30 21.44 42.06
CA ILE C 437 12.23 21.85 40.66
C ILE C 437 13.24 21.10 39.80
N SER C 438 14.15 20.37 40.43
CA SER C 438 15.23 19.71 39.72
C SER C 438 14.73 18.59 38.83
N PHE C 439 13.79 17.79 39.33
CA PHE C 439 13.12 16.83 38.48
C PHE C 439 12.19 17.53 37.49
N PHE C 440 11.69 18.70 37.84
CA PHE C 440 10.72 19.40 37.01
C PHE C 440 11.35 20.04 35.80
N LYS C 441 12.66 20.27 35.83
CA LYS C 441 13.35 20.63 34.59
C LYS C 441 13.36 19.45 33.64
N ASP C 442 13.49 18.23 34.15
CA ASP C 442 13.52 17.05 33.29
C ASP C 442 12.13 16.75 32.75
N PRO C 443 11.93 16.74 31.42
CA PRO C 443 10.59 16.46 30.88
C PRO C 443 10.17 15.02 31.03
N TRP C 444 11.09 14.09 31.26
CA TRP C 444 10.68 12.70 31.46
C TRP C 444 9.93 12.54 32.77
N SER C 445 10.46 13.15 33.84
CA SER C 445 9.77 13.20 35.12
C SER C 445 8.45 13.92 35.01
N LEU C 446 8.39 14.98 34.20
CA LEU C 446 7.13 15.67 33.97
C LEU C 446 6.14 14.78 33.25
N PHE C 447 6.62 13.92 32.35
CA PHE C 447 5.73 12.97 31.69
C PHE C 447 5.16 11.98 32.68
N ASP C 448 6.01 11.45 33.58
CA ASP C 448 5.54 10.50 34.58
C ASP C 448 4.51 11.13 35.52
N PHE C 449 4.85 12.31 36.04
CA PHE C 449 3.97 13.04 36.94
C PHE C 449 2.65 13.38 36.26
N PHE C 450 2.72 13.80 35.00
CA PHE C 450 1.53 14.21 34.27
C PHE C 450 0.59 13.04 34.05
N VAL C 451 1.14 11.89 33.71
CA VAL C 451 0.25 10.79 33.40
C VAL C 451 -0.32 10.17 34.68
N VAL C 452 0.41 10.20 35.79
CA VAL C 452 -0.19 9.64 37.00
C VAL C 452 -1.17 10.63 37.62
N THR C 453 -0.98 11.94 37.41
CA THR C 453 -2.01 12.87 37.84
C THR C 453 -3.25 12.77 36.96
N LEU C 454 -3.08 12.44 35.68
CA LEU C 454 -4.26 12.21 34.86
C LEU C 454 -4.98 10.95 35.29
N SER C 455 -4.22 9.94 35.74
CA SER C 455 -4.82 8.79 36.40
C SER C 455 -5.55 9.19 37.68
N LEU C 456 -5.05 10.18 38.40
CA LEU C 456 -5.76 10.64 39.58
C LEU C 456 -7.00 11.47 39.23
N VAL C 457 -6.99 12.17 38.10
CA VAL C 457 -8.20 12.85 37.68
C VAL C 457 -9.24 11.81 37.24
N GLU C 458 -8.78 10.68 36.68
CA GLU C 458 -9.66 9.53 36.54
C GLU C 458 -10.19 9.08 37.90
N LEU C 459 -9.32 9.11 38.89
CA LEU C 459 -9.71 8.94 40.29
C LEU C 459 -10.31 10.20 40.91
N PHE C 460 -10.82 11.14 40.11
CA PHE C 460 -11.49 12.34 40.61
C PHE C 460 -12.74 12.66 39.79
N LEU C 461 -13.62 11.66 39.61
CA LEU C 461 -14.98 11.83 39.06
C LEU C 461 -15.00 12.32 37.61
N ALA C 462 -13.90 12.26 36.89
CA ALA C 462 -13.87 12.80 35.54
C ALA C 462 -14.28 11.74 34.55
N ASP C 463 -14.72 12.19 33.38
CA ASP C 463 -15.02 11.29 32.27
C ASP C 463 -13.73 11.04 31.50
N VAL C 464 -12.86 10.27 32.13
CA VAL C 464 -11.72 9.67 31.44
C VAL C 464 -12.24 8.40 30.77
N GLU C 465 -12.12 8.36 29.44
CA GLU C 465 -12.60 7.21 28.71
C GLU C 465 -11.69 6.02 29.00
N GLY C 466 -10.44 6.13 28.59
CA GLY C 466 -9.44 5.13 28.88
C GLY C 466 -8.09 5.77 29.03
N LEU C 467 -8.09 7.10 29.16
CA LEU C 467 -6.84 7.88 29.23
C LEU C 467 -6.02 7.53 30.46
N SER C 468 -6.64 6.90 31.46
CA SER C 468 -5.94 6.36 32.62
C SER C 468 -4.84 5.39 32.21
N VAL C 469 -5.12 4.49 31.28
CA VAL C 469 -4.08 3.54 30.89
C VAL C 469 -3.17 4.14 29.83
N LEU C 470 -3.23 5.47 29.65
CA LEU C 470 -2.06 6.18 29.16
C LEU C 470 -0.83 5.95 30.03
N ARG C 471 -1.01 5.61 31.33
CA ARG C 471 0.10 5.12 32.15
C ARG C 471 0.71 3.82 31.63
N SER C 472 0.04 3.12 30.72
CA SER C 472 0.64 2.02 29.98
C SER C 472 1.89 2.49 29.24
N PHE C 473 1.88 3.74 28.78
CA PHE C 473 3.03 4.36 28.15
C PHE C 473 4.25 4.44 29.07
N ARG C 474 4.05 4.32 30.38
CA ARG C 474 5.18 4.21 31.31
C ARG C 474 6.04 2.98 31.04
N LEU C 475 5.45 1.95 30.43
CA LEU C 475 6.19 0.80 29.95
C LEU C 475 7.30 1.16 28.97
N LEU C 476 7.20 2.33 28.30
CA LEU C 476 8.25 2.80 27.43
C LEU C 476 9.57 3.09 28.16
N ARG C 477 9.57 3.14 29.50
CA ARG C 477 10.85 3.19 30.22
C ARG C 477 11.64 1.90 30.06
N LEU C 478 10.96 0.78 29.83
CA LEU C 478 11.62 -0.44 29.40
C LEU C 478 12.32 -0.25 28.06
N PHE C 479 11.79 0.64 27.23
CA PHE C 479 12.47 1.09 26.03
C PHE C 479 13.85 1.64 26.35
N ARG C 480 13.98 2.33 27.49
CA ARG C 480 15.27 2.81 27.97
C ARG C 480 16.21 1.69 28.41
N ALA C 481 15.74 0.45 28.48
CA ALA C 481 16.63 -0.69 28.59
C ALA C 481 16.81 -1.46 27.30
N VAL C 482 15.89 -1.30 26.33
CA VAL C 482 15.97 -2.14 25.13
C VAL C 482 16.99 -1.62 24.15
N THR C 483 17.53 -0.42 24.39
CA THR C 483 18.59 0.14 23.57
C THR C 483 19.92 -0.61 23.71
N ALA C 484 20.02 -1.56 24.64
CA ALA C 484 21.25 -2.29 24.93
C ALA C 484 21.69 -3.23 23.81
N VAL C 485 20.84 -3.48 22.82
CA VAL C 485 21.28 -4.17 21.60
C VAL C 485 22.06 -3.14 20.78
N PRO C 486 23.23 -3.50 20.23
CA PRO C 486 24.09 -2.49 19.59
C PRO C 486 23.52 -1.84 18.34
N GLN C 487 22.55 -2.46 17.66
CA GLN C 487 21.90 -1.77 16.56
C GLN C 487 20.90 -0.74 17.05
N MET C 488 20.25 -1.05 18.18
CA MET C 488 19.21 -0.20 18.74
C MET C 488 19.75 1.12 19.26
N ARG C 489 21.03 1.19 19.63
CA ARG C 489 21.68 2.45 19.93
C ARG C 489 21.61 3.39 18.73
N LYS C 490 22.03 2.88 17.56
CA LYS C 490 21.97 3.66 16.33
C LYS C 490 20.53 3.97 15.95
N ILE C 491 19.62 3.05 16.25
CA ILE C 491 18.21 3.23 15.91
C ILE C 491 17.58 4.36 16.73
N VAL C 492 17.89 4.40 18.02
CA VAL C 492 17.26 5.40 18.87
C VAL C 492 17.91 6.77 18.66
N SER C 493 19.23 6.80 18.45
CA SER C 493 19.89 8.04 18.04
C SER C 493 19.36 8.53 16.71
N ALA C 494 19.03 7.60 15.82
CA ALA C 494 18.48 7.94 14.52
C ALA C 494 17.08 8.54 14.64
N LEU C 495 16.21 7.92 15.45
CA LEU C 495 14.84 8.42 15.61
C LEU C 495 14.83 9.78 16.29
N ILE C 496 15.66 9.93 17.34
CA ILE C 496 15.75 11.20 18.04
C ILE C 496 16.37 12.27 17.16
N SER C 497 17.24 11.88 16.24
CA SER C 497 17.79 12.79 15.26
C SER C 497 16.79 13.23 14.22
N VAL C 498 15.88 12.35 13.80
CA VAL C 498 14.97 12.68 12.71
C VAL C 498 13.62 13.18 13.16
N ILE C 499 13.38 13.30 14.48
CA ILE C 499 12.19 13.98 14.97
C ILE C 499 11.92 15.37 14.34
N PRO C 500 12.91 16.36 14.32
CA PRO C 500 12.54 17.71 13.88
C PRO C 500 12.21 17.86 12.41
N GLY C 501 12.98 17.19 11.54
CA GLY C 501 12.69 17.21 10.13
C GLY C 501 11.35 16.57 9.81
N MET C 502 10.99 15.52 10.53
CA MET C 502 9.67 14.93 10.36
C MET C 502 8.57 15.85 10.83
N LEU C 503 8.82 16.63 11.89
CA LEU C 503 7.83 17.61 12.31
C LEU C 503 7.63 18.67 11.22
N SER C 504 8.72 19.05 10.55
CA SER C 504 8.61 20.01 9.45
C SER C 504 7.85 19.42 8.26
N VAL C 505 8.07 18.15 7.95
CA VAL C 505 7.36 17.59 6.80
C VAL C 505 5.91 17.27 7.15
N ILE C 506 5.59 17.03 8.43
CA ILE C 506 4.20 16.97 8.86
C ILE C 506 3.53 18.32 8.67
N ALA C 507 4.27 19.39 8.97
CA ALA C 507 3.73 20.74 8.79
C ALA C 507 3.41 21.02 7.33
N LEU C 508 4.34 20.70 6.43
CA LEU C 508 4.12 21.01 5.02
C LEU C 508 3.03 20.13 4.42
N MET C 509 3.01 18.84 4.77
CA MET C 509 1.97 17.95 4.26
C MET C 509 0.60 18.33 4.81
N THR C 510 0.53 18.82 6.04
CA THR C 510 -0.75 19.30 6.56
C THR C 510 -1.19 20.56 5.86
N LEU C 511 -0.24 21.40 5.44
CA LEU C 511 -0.60 22.56 4.65
C LEU C 511 -1.20 22.16 3.31
N PHE C 512 -0.60 21.16 2.67
CA PHE C 512 -1.13 20.60 1.43
C PHE C 512 -2.53 20.07 1.62
N PHE C 513 -2.72 19.29 2.69
CA PHE C 513 -4.05 18.82 3.05
C PHE C 513 -5.02 19.95 3.30
N TYR C 514 -4.53 21.05 3.87
CA TYR C 514 -5.41 22.14 4.22
C TYR C 514 -5.99 22.79 2.97
N ILE C 515 -5.12 23.13 2.02
CA ILE C 515 -5.63 23.79 0.83
C ILE C 515 -6.43 22.82 -0.03
N PHE C 516 -6.02 21.55 -0.09
CA PHE C 516 -6.76 20.60 -0.91
C PHE C 516 -8.11 20.28 -0.32
N ALA C 517 -8.19 20.18 1.00
CA ALA C 517 -9.47 19.85 1.62
C ALA C 517 -10.41 21.03 1.58
N ILE C 518 -9.88 22.24 1.61
CA ILE C 518 -10.74 23.41 1.43
C ILE C 518 -11.33 23.42 0.04
N MET C 519 -10.51 23.11 -0.98
CA MET C 519 -11.01 22.98 -2.33
C MET C 519 -12.06 21.88 -2.45
N ALA C 520 -11.82 20.76 -1.78
CA ALA C 520 -12.74 19.63 -1.88
C ALA C 520 -14.06 19.93 -1.20
N THR C 521 -14.02 20.54 -0.03
CA THR C 521 -15.27 20.79 0.68
C THR C 521 -16.03 21.95 0.10
N GLN C 522 -15.40 22.79 -0.72
CA GLN C 522 -16.21 23.70 -1.51
C GLN C 522 -16.78 22.99 -2.73
N LEU C 523 -16.02 22.07 -3.33
CA LEU C 523 -16.44 21.43 -4.56
C LEU C 523 -17.60 20.47 -4.34
N PHE C 524 -17.38 19.44 -3.53
CA PHE C 524 -18.28 18.31 -3.45
C PHE C 524 -19.13 18.31 -2.18
N GLY C 525 -19.50 19.49 -1.70
CA GLY C 525 -20.27 19.55 -0.47
C GLY C 525 -21.72 19.19 -0.66
N GLU C 526 -22.24 19.40 -1.87
CA GLU C 526 -23.69 19.41 -2.00
C GLU C 526 -24.28 18.01 -2.13
N ARG C 527 -23.87 17.23 -3.13
CA ARG C 527 -24.57 16.00 -3.46
C ARG C 527 -24.34 14.90 -2.44
N PHE C 528 -23.23 14.95 -1.73
CA PHE C 528 -23.05 14.09 -0.57
C PHE C 528 -22.17 14.77 0.46
N PRO C 529 -22.73 15.09 1.62
CA PRO C 529 -21.94 15.69 2.70
C PRO C 529 -21.41 14.68 3.70
N GLU C 530 -21.66 13.39 3.50
CA GLU C 530 -21.11 12.38 4.40
C GLU C 530 -19.61 12.32 4.31
N TRP C 531 -19.06 12.62 3.15
CA TRP C 531 -17.62 12.63 2.99
C TRP C 531 -17.04 14.03 2.92
N PHE C 532 -17.82 15.03 2.51
CA PHE C 532 -17.27 16.36 2.28
C PHE C 532 -18.17 17.49 2.75
N GLY C 533 -19.00 17.27 3.77
CA GLY C 533 -19.89 18.34 4.20
C GLY C 533 -19.17 19.42 4.98
N THR C 534 -18.47 19.04 6.03
CA THR C 534 -17.74 19.96 6.88
C THR C 534 -16.32 20.12 6.35
N LEU C 535 -15.46 20.71 7.15
CA LEU C 535 -14.04 20.56 6.88
C LEU C 535 -13.42 19.43 7.69
N GLY C 536 -14.01 19.06 8.83
CA GLY C 536 -13.48 17.94 9.59
C GLY C 536 -13.61 16.63 8.84
N GLU C 537 -14.79 16.39 8.28
CA GLU C 537 -14.99 15.11 7.60
C GLU C 537 -14.42 15.10 6.20
N SER C 538 -14.34 16.25 5.53
CA SER C 538 -13.64 16.32 4.27
C SER C 538 -12.15 16.13 4.47
N PHE C 539 -11.62 16.65 5.56
CA PHE C 539 -10.23 16.48 5.87
C PHE C 539 -9.92 15.02 6.20
N TYR C 540 -10.82 14.36 6.92
CA TYR C 540 -10.65 12.94 7.17
C TYR C 540 -10.75 12.15 5.88
N THR C 541 -11.62 12.56 4.97
CA THR C 541 -11.76 11.86 3.71
C THR C 541 -10.51 11.98 2.86
N LEU C 542 -9.88 13.15 2.88
CA LEU C 542 -8.61 13.23 2.15
C LEU C 542 -7.50 12.52 2.87
N PHE C 543 -7.59 12.30 4.16
CA PHE C 543 -6.62 11.38 4.72
C PHE C 543 -6.88 9.96 4.28
N GLN C 544 -8.14 9.61 4.04
CA GLN C 544 -8.41 8.28 3.53
C GLN C 544 -7.90 8.10 2.11
N VAL C 545 -8.14 9.08 1.25
CA VAL C 545 -7.63 9.01 -0.11
C VAL C 545 -6.11 9.15 -0.13
N MET C 546 -5.50 9.67 0.93
CA MET C 546 -4.05 9.66 1.02
C MET C 546 -3.50 8.25 1.10
N THR C 547 -4.10 7.38 1.90
CA THR C 547 -3.45 6.12 2.21
C THR C 547 -3.82 5.03 1.22
N LEU C 548 -4.39 5.39 0.07
CA LEU C 548 -4.69 4.49 -1.03
C LEU C 548 -5.58 3.34 -0.59
N GLU C 549 -6.76 3.70 -0.13
CA GLU C 549 -7.70 2.69 0.29
C GLU C 549 -9.11 3.12 -0.09
N SER C 550 -9.70 2.37 -1.01
CA SER C 550 -11.06 2.56 -1.51
C SER C 550 -11.32 3.96 -1.99
N TRP C 551 -10.30 4.61 -2.50
CA TRP C 551 -10.59 5.85 -3.18
C TRP C 551 -11.34 5.56 -4.46
N SER C 552 -10.99 4.47 -5.13
CA SER C 552 -11.67 4.15 -6.36
C SER C 552 -13.07 3.62 -6.10
N MET C 553 -13.17 2.45 -5.48
CA MET C 553 -14.48 1.81 -5.37
C MET C 553 -15.36 2.50 -4.34
N GLY C 554 -14.76 2.98 -3.27
CA GLY C 554 -15.58 3.56 -2.23
C GLY C 554 -15.87 5.02 -2.45
N ILE C 555 -14.95 5.75 -3.09
CA ILE C 555 -15.09 7.21 -3.14
C ILE C 555 -15.27 7.74 -4.55
N VAL C 556 -14.25 7.58 -5.39
CA VAL C 556 -14.21 8.36 -6.63
C VAL C 556 -15.22 7.83 -7.65
N ARG C 557 -15.50 6.56 -7.64
CA ARG C 557 -16.49 6.05 -8.58
C ARG C 557 -17.92 6.53 -8.26
N PRO C 558 -18.32 6.71 -7.00
CA PRO C 558 -19.52 7.52 -6.76
C PRO C 558 -19.45 8.94 -7.27
N LEU C 559 -18.27 9.58 -7.26
CA LEU C 559 -18.22 10.92 -7.83
C LEU C 559 -18.36 10.91 -9.34
N MET C 560 -17.75 9.93 -10.00
CA MET C 560 -17.91 9.77 -11.44
C MET C 560 -19.33 9.43 -11.82
N GLU C 561 -20.10 8.87 -10.89
CA GLU C 561 -21.54 8.77 -11.11
C GLU C 561 -22.21 10.13 -11.22
N VAL C 562 -21.65 11.17 -10.62
CA VAL C 562 -22.28 12.49 -10.72
C VAL C 562 -21.39 13.46 -11.46
N TYR C 563 -20.20 13.72 -10.93
CA TYR C 563 -19.31 14.70 -11.54
C TYR C 563 -18.27 13.97 -12.37
N PRO C 564 -18.29 14.06 -13.69
CA PRO C 564 -17.31 13.35 -14.51
C PRO C 564 -15.96 14.03 -14.62
N TYR C 565 -15.72 15.08 -13.84
CA TYR C 565 -14.43 15.75 -13.91
C TYR C 565 -13.85 15.97 -12.51
N ALA C 566 -13.88 14.93 -11.69
CA ALA C 566 -13.21 14.99 -10.40
C ALA C 566 -12.04 14.03 -10.32
N TRP C 567 -11.89 13.14 -11.29
CA TRP C 567 -10.67 12.36 -11.34
C TRP C 567 -9.48 13.25 -11.65
N VAL C 568 -9.70 14.29 -12.46
CA VAL C 568 -8.67 15.30 -12.66
C VAL C 568 -8.40 16.11 -11.42
N PHE C 569 -9.25 16.04 -10.41
CA PHE C 569 -8.86 16.56 -9.12
C PHE C 569 -8.06 15.54 -8.34
N PHE C 570 -8.52 14.30 -8.32
CA PHE C 570 -7.98 13.38 -7.33
C PHE C 570 -6.64 12.80 -7.72
N ILE C 571 -6.42 12.52 -8.99
CA ILE C 571 -5.17 11.91 -9.45
C ILE C 571 -3.95 12.79 -9.21
N PRO C 572 -3.94 14.11 -9.49
CA PRO C 572 -2.76 14.90 -9.12
C PRO C 572 -2.58 15.00 -7.63
N PHE C 573 -3.64 14.86 -6.85
CA PHE C 573 -3.50 14.81 -5.41
C PHE C 573 -2.74 13.56 -4.98
N ILE C 574 -3.05 12.43 -5.60
CA ILE C 574 -2.36 11.19 -5.30
C ILE C 574 -0.89 11.30 -5.66
N PHE C 575 -0.59 11.94 -6.80
CA PHE C 575 0.81 12.13 -7.19
C PHE C 575 1.56 13.02 -6.21
N VAL C 576 0.96 14.13 -5.79
CA VAL C 576 1.72 15.06 -4.96
C VAL C 576 1.89 14.52 -3.55
N VAL C 577 0.94 13.73 -3.05
CA VAL C 577 1.16 13.31 -1.67
C VAL C 577 1.92 11.98 -1.61
N THR C 578 1.86 11.17 -2.66
CA THR C 578 2.81 10.07 -2.81
C THR C 578 4.24 10.60 -2.92
N PHE C 579 4.40 11.71 -3.64
CA PHE C 579 5.67 12.43 -3.69
C PHE C 579 6.14 12.86 -2.31
N VAL C 580 5.25 13.49 -1.53
CA VAL C 580 5.63 14.03 -0.23
C VAL C 580 5.94 12.92 0.77
N MET C 581 5.15 11.84 0.75
CA MET C 581 5.40 10.72 1.65
C MET C 581 6.70 9.99 1.30
N ILE C 582 7.00 9.84 0.01
CA ILE C 582 8.28 9.25 -0.35
C ILE C 582 9.43 10.19 0.05
N ASN C 583 9.21 11.50 0.01
CA ASN C 583 10.20 12.46 0.49
C ASN C 583 10.43 12.31 1.98
N LEU C 584 9.36 12.01 2.73
CA LEU C 584 9.50 11.68 4.14
C LEU C 584 10.38 10.45 4.34
N VAL C 585 10.18 9.43 3.51
CA VAL C 585 10.99 8.22 3.59
C VAL C 585 12.46 8.53 3.31
N VAL C 586 12.71 9.47 2.39
CA VAL C 586 14.08 9.85 2.07
C VAL C 586 14.75 10.58 3.23
N ALA C 587 14.03 11.53 3.83
CA ALA C 587 14.60 12.21 4.97
C ALA C 587 14.63 11.33 6.22
N ILE C 588 13.99 10.18 6.18
CA ILE C 588 14.26 9.16 7.19
C ILE C 588 15.52 8.39 6.85
N ILE C 589 15.76 8.15 5.55
CA ILE C 589 16.93 7.40 5.08
C ILE C 589 18.23 8.11 5.45
N VAL C 590 18.25 9.44 5.35
CA VAL C 590 19.51 10.19 5.39
C VAL C 590 20.28 10.08 6.70
N ASP C 591 19.63 9.68 7.79
CA ASP C 591 20.27 9.69 9.10
C ASP C 591 21.35 8.63 9.22
N ALA C 592 21.10 7.47 8.63
CA ALA C 592 22.01 6.34 8.82
C ALA C 592 23.30 6.52 8.02
N MET C 593 23.22 7.20 6.89
CA MET C 593 24.43 7.63 6.20
C MET C 593 25.02 8.88 6.81
N ALA C 594 24.23 9.65 7.56
CA ALA C 594 24.80 10.79 8.28
C ALA C 594 25.64 10.34 9.48
N ILE C 595 25.18 9.31 10.19
CA ILE C 595 25.90 8.85 11.36
C ILE C 595 27.11 8.02 10.97
N LEU C 596 26.90 7.01 10.14
CA LEU C 596 27.99 6.15 9.71
C LEU C 596 28.62 6.64 8.42
N ASN D 368 35.56 -49.96 11.86
CA ASN D 368 35.12 -48.69 11.30
C ASN D 368 35.16 -48.72 9.78
N ALA D 369 35.35 -49.92 9.22
CA ALA D 369 35.58 -50.08 7.79
C ALA D 369 34.33 -49.75 6.96
N MET D 370 33.27 -50.55 7.13
CA MET D 370 32.03 -50.28 6.41
C MET D 370 31.38 -49.00 6.94
N TYR D 371 31.68 -48.63 8.19
CA TYR D 371 31.31 -47.33 8.75
C TYR D 371 31.76 -46.20 7.85
N LEU D 372 33.07 -46.07 7.63
CA LEU D 372 33.55 -44.99 6.77
C LEU D 372 33.21 -45.21 5.30
N ALA D 373 33.08 -46.46 4.86
CA ALA D 373 32.78 -46.70 3.44
C ALA D 373 31.38 -46.23 3.09
N ILE D 374 30.37 -46.72 3.81
CA ILE D 374 29.01 -46.28 3.56
C ILE D 374 28.82 -44.84 4.00
N THR D 375 29.63 -44.35 4.94
CA THR D 375 29.61 -42.93 5.27
C THR D 375 30.11 -42.07 4.11
N ASN D 376 31.12 -42.55 3.38
CA ASN D 376 31.53 -41.89 2.14
C ASN D 376 30.41 -41.89 1.13
N ILE D 377 29.66 -42.99 1.06
CA ILE D 377 28.54 -43.03 0.14
C ILE D 377 27.43 -42.07 0.60
N VAL D 378 27.32 -41.82 1.90
CA VAL D 378 26.42 -40.78 2.39
C VAL D 378 26.90 -39.41 1.93
N GLU D 379 28.18 -39.15 2.11
CA GLU D 379 28.65 -37.82 1.73
C GLU D 379 28.85 -37.70 0.23
N SER D 380 28.56 -38.75 -0.54
CA SER D 380 28.60 -38.67 -1.98
C SER D 380 27.52 -37.73 -2.48
N SER D 381 27.93 -36.81 -3.34
CA SER D 381 27.03 -35.81 -3.91
C SER D 381 25.98 -36.44 -4.80
N PHE D 382 26.27 -37.60 -5.40
CA PHE D 382 25.24 -38.37 -6.09
C PHE D 382 24.08 -38.70 -5.16
N PHE D 383 24.41 -39.19 -3.95
CA PHE D 383 23.37 -39.52 -2.98
C PHE D 383 22.68 -38.27 -2.44
N THR D 384 23.44 -37.25 -2.08
CA THR D 384 22.85 -36.08 -1.42
C THR D 384 21.98 -35.30 -2.40
N LYS D 385 22.48 -35.09 -3.61
CA LYS D 385 21.67 -34.47 -4.65
C LYS D 385 20.51 -35.37 -5.06
N PHE D 386 20.66 -36.70 -4.94
CA PHE D 386 19.53 -37.59 -5.17
C PHE D 386 18.44 -37.38 -4.13
N ILE D 387 18.84 -37.11 -2.89
CA ILE D 387 17.87 -36.79 -1.84
C ILE D 387 17.15 -35.49 -2.16
N THR D 388 17.87 -34.51 -2.69
CA THR D 388 17.20 -33.26 -3.05
C THR D 388 16.29 -33.42 -4.27
N ILE D 389 16.63 -34.32 -5.19
CA ILE D 389 15.73 -34.63 -6.29
C ILE D 389 14.49 -35.35 -5.77
N CYS D 390 14.65 -36.21 -4.79
CA CYS D 390 13.51 -36.83 -4.14
C CYS D 390 12.67 -35.78 -3.42
N ILE D 391 13.31 -34.73 -2.90
CA ILE D 391 12.60 -33.65 -2.22
C ILE D 391 11.74 -32.87 -3.20
N VAL D 392 12.33 -32.45 -4.32
CA VAL D 392 11.58 -31.63 -5.28
C VAL D 392 10.53 -32.48 -5.97
N LEU D 393 10.79 -33.78 -6.11
CA LEU D 393 9.77 -34.66 -6.64
C LEU D 393 8.65 -34.89 -5.63
N ASN D 394 8.96 -34.85 -4.33
CA ASN D 394 7.90 -34.91 -3.33
C ASN D 394 7.06 -33.65 -3.36
N THR D 395 7.68 -32.50 -3.61
CA THR D 395 6.91 -31.28 -3.65
C THR D 395 6.03 -31.25 -4.89
N LEU D 396 6.52 -31.80 -6.00
CA LEU D 396 5.65 -31.93 -7.16
C LEU D 396 4.57 -32.98 -6.93
N PHE D 397 4.87 -33.98 -6.09
CA PHE D 397 3.85 -34.92 -5.68
C PHE D 397 2.75 -34.25 -4.88
N MET D 398 3.11 -33.31 -4.02
CA MET D 398 2.09 -32.48 -3.40
C MET D 398 1.48 -31.47 -4.36
N ALA D 399 2.17 -31.13 -5.44
CA ALA D 399 1.55 -30.34 -6.49
C ALA D 399 0.55 -31.14 -7.30
N MET D 400 0.55 -32.46 -7.13
CA MET D 400 -0.59 -33.26 -7.54
C MET D 400 -1.69 -33.28 -6.48
N GLU D 401 -1.78 -32.28 -5.63
CA GLU D 401 -3.01 -32.08 -4.85
C GLU D 401 -3.97 -31.19 -5.64
N HIS D 402 -4.60 -31.82 -6.61
CA HIS D 402 -5.77 -31.22 -7.23
C HIS D 402 -7.02 -31.65 -6.46
N HIS D 403 -8.09 -30.92 -6.69
CA HIS D 403 -9.40 -31.46 -6.39
C HIS D 403 -9.91 -32.47 -7.42
N PRO D 404 -9.68 -32.32 -8.78
CA PRO D 404 -10.13 -33.38 -9.69
C PRO D 404 -9.32 -34.66 -9.70
N MET D 405 -8.48 -34.90 -8.70
CA MET D 405 -7.91 -36.23 -8.53
C MET D 405 -9.02 -37.21 -8.17
N THR D 406 -8.81 -38.47 -8.54
CA THR D 406 -9.83 -39.45 -8.27
C THR D 406 -9.54 -40.16 -6.95
N GLU D 407 -10.57 -40.82 -6.42
CA GLU D 407 -10.43 -41.51 -5.15
C GLU D 407 -9.57 -42.76 -5.29
N GLU D 408 -9.68 -43.46 -6.44
CA GLU D 408 -8.82 -44.60 -6.69
C GLU D 408 -7.37 -44.17 -6.87
N PHE D 409 -7.15 -43.06 -7.58
CA PHE D 409 -5.79 -42.53 -7.70
C PHE D 409 -5.32 -41.83 -6.43
N LYS D 410 -6.22 -41.58 -5.47
CA LYS D 410 -5.82 -40.98 -4.20
C LYS D 410 -5.03 -41.96 -3.35
N ASN D 411 -5.30 -43.26 -3.50
CA ASN D 411 -4.63 -44.27 -2.67
C ASN D 411 -3.17 -44.42 -3.06
N VAL D 412 -2.87 -44.33 -4.35
CA VAL D 412 -1.47 -44.34 -4.78
C VAL D 412 -0.76 -43.06 -4.35
N LEU D 413 -1.49 -41.94 -4.28
CA LEU D 413 -0.92 -40.73 -3.69
C LEU D 413 -0.60 -40.92 -2.22
N ALA D 414 -1.45 -41.66 -1.51
CA ALA D 414 -1.21 -41.93 -0.10
C ALA D 414 0.00 -42.83 0.08
N ILE D 415 0.14 -43.86 -0.75
CA ILE D 415 1.30 -44.73 -0.60
C ILE D 415 2.56 -44.04 -1.12
N GLY D 416 2.41 -43.07 -2.02
CA GLY D 416 3.56 -42.28 -2.43
C GLY D 416 4.05 -41.36 -1.34
N ASN D 417 3.12 -40.75 -0.59
CA ASN D 417 3.50 -39.98 0.59
C ASN D 417 4.14 -40.89 1.64
N LEU D 418 3.60 -42.10 1.79
CA LEU D 418 4.16 -43.12 2.67
C LEU D 418 5.60 -43.43 2.32
N VAL D 419 5.88 -43.71 1.04
CA VAL D 419 7.22 -44.12 0.67
C VAL D 419 8.17 -42.93 0.62
N PHE D 420 7.67 -41.72 0.33
CA PHE D 420 8.52 -40.53 0.40
C PHE D 420 8.99 -40.28 1.82
N THR D 421 8.06 -40.32 2.78
CA THR D 421 8.42 -40.19 4.19
C THR D 421 9.30 -41.33 4.66
N GLY D 422 9.12 -42.52 4.10
CA GLY D 422 10.02 -43.61 4.42
C GLY D 422 11.43 -43.37 3.94
N ILE D 423 11.58 -42.80 2.74
CA ILE D 423 12.90 -42.46 2.22
C ILE D 423 13.56 -41.41 3.09
N PHE D 424 12.79 -40.44 3.57
CA PHE D 424 13.36 -39.41 4.43
C PHE D 424 13.77 -39.98 5.78
N ALA D 425 12.93 -40.87 6.32
CA ALA D 425 13.26 -41.51 7.59
C ALA D 425 14.50 -42.39 7.47
N ALA D 426 14.64 -43.08 6.32
CA ALA D 426 15.83 -43.88 6.08
C ALA D 426 17.06 -42.98 5.98
N GLU D 427 16.91 -41.82 5.34
CA GLU D 427 18.01 -40.87 5.24
C GLU D 427 18.47 -40.40 6.61
N ILE D 428 17.52 -40.11 7.49
CA ILE D 428 17.93 -39.58 8.78
C ILE D 428 18.46 -40.68 9.69
N ILE D 429 17.95 -41.92 9.57
CA ILE D 429 18.50 -42.97 10.42
C ILE D 429 19.93 -43.31 9.99
N LEU D 430 20.25 -43.16 8.69
CA LEU D 430 21.65 -43.29 8.32
C LEU D 430 22.49 -42.12 8.81
N ARG D 431 21.94 -40.90 8.77
CA ARG D 431 22.72 -39.73 9.20
C ARG D 431 22.98 -39.76 10.70
N ILE D 432 22.15 -40.48 11.45
CA ILE D 432 22.42 -40.59 12.88
C ILE D 432 23.20 -41.85 13.19
N TYR D 433 23.16 -42.85 12.29
CA TYR D 433 24.03 -44.01 12.45
C TYR D 433 25.48 -43.61 12.27
N VAL D 434 25.73 -42.57 11.48
CA VAL D 434 27.06 -42.01 11.47
C VAL D 434 27.25 -41.13 12.71
N HIS D 435 26.49 -40.06 12.81
CA HIS D 435 26.80 -39.01 13.78
C HIS D 435 25.99 -39.16 15.05
N ARG D 436 26.67 -39.08 16.20
CA ARG D 436 25.96 -39.09 17.47
C ARG D 436 25.49 -37.69 17.87
N ILE D 437 26.42 -36.78 18.15
CA ILE D 437 26.10 -35.42 18.57
C ILE D 437 26.68 -34.40 17.61
N SER D 438 27.55 -34.84 16.69
CA SER D 438 28.26 -33.92 15.81
C SER D 438 27.31 -33.25 14.83
N PHE D 439 26.37 -34.01 14.26
CA PHE D 439 25.32 -33.39 13.47
C PHE D 439 24.36 -32.60 14.35
N PHE D 440 24.22 -32.99 15.62
CA PHE D 440 23.26 -32.38 16.51
C PHE D 440 23.71 -31.02 17.00
N LYS D 441 25.01 -30.72 16.92
CA LYS D 441 25.44 -29.35 17.11
C LYS D 441 24.95 -28.47 15.96
N ASP D 442 24.94 -29.01 14.75
CA ASP D 442 24.49 -28.24 13.59
C ASP D 442 22.98 -28.07 13.61
N PRO D 443 22.47 -26.82 13.64
CA PRO D 443 21.02 -26.63 13.67
C PRO D 443 20.33 -26.95 12.37
N TRP D 444 21.05 -27.02 11.24
CA TRP D 444 20.41 -27.38 9.99
C TRP D 444 19.99 -28.84 10.00
N SER D 445 20.88 -29.72 10.48
CA SER D 445 20.55 -31.12 10.69
C SER D 445 19.42 -31.29 11.69
N LEU D 446 19.41 -30.45 12.74
CA LEU D 446 18.32 -30.48 13.70
C LEU D 446 17.00 -30.08 13.05
N PHE D 447 17.06 -29.15 12.09
CA PHE D 447 15.85 -28.76 11.38
C PHE D 447 15.33 -29.92 10.54
N ASP D 448 16.23 -30.61 9.84
CA ASP D 448 15.82 -31.75 9.01
C ASP D 448 15.22 -32.85 9.85
N PHE D 449 15.92 -33.22 10.93
CA PHE D 449 15.46 -34.26 11.85
C PHE D 449 14.14 -33.89 12.47
N PHE D 450 13.98 -32.62 12.87
CA PHE D 450 12.77 -32.19 13.54
C PHE D 450 11.57 -32.24 12.61
N VAL D 451 11.76 -31.86 11.35
CA VAL D 451 10.60 -31.83 10.49
C VAL D 451 10.23 -33.24 10.03
N VAL D 452 11.21 -34.14 9.88
CA VAL D 452 10.81 -35.49 9.48
C VAL D 452 10.25 -36.27 10.67
N THR D 453 10.66 -35.93 11.89
CA THR D 453 9.99 -36.54 13.04
C THR D 453 8.60 -35.99 13.22
N LEU D 454 8.37 -34.73 12.85
CA LEU D 454 7.00 -34.22 12.91
C LEU D 454 6.16 -34.89 11.83
N SER D 455 6.75 -35.19 10.68
CA SER D 455 6.09 -36.04 9.69
C SER D 455 5.80 -37.43 10.25
N LEU D 456 6.67 -37.95 11.10
CA LEU D 456 6.37 -39.24 11.72
C LEU D 456 5.31 -39.15 12.81
N VAL D 457 5.20 -38.02 13.48
CA VAL D 457 4.10 -37.85 14.41
C VAL D 457 2.79 -37.72 13.65
N GLU D 458 2.83 -37.15 12.43
CA GLU D 458 1.71 -37.27 11.52
C GLU D 458 1.46 -38.74 11.19
N LEU D 459 2.52 -39.50 11.03
CA LEU D 459 2.44 -40.96 10.96
C LEU D 459 2.31 -41.63 12.32
N PHE D 460 1.83 -40.92 13.34
CA PHE D 460 1.60 -41.49 14.67
C PHE D 460 0.28 -40.98 15.27
N LEU D 461 -0.81 -41.06 14.48
CA LEU D 461 -2.19 -40.83 14.96
C LEU D 461 -2.46 -39.42 15.45
N ALA D 462 -1.60 -38.47 15.13
CA ALA D 462 -1.78 -37.12 15.65
C ALA D 462 -2.64 -36.31 14.70
N ASP D 463 -3.24 -35.25 15.25
CA ASP D 463 -3.99 -34.30 14.43
C ASP D 463 -3.01 -33.26 13.89
N VAL D 464 -2.21 -33.71 12.95
CA VAL D 464 -1.44 -32.80 12.10
C VAL D 464 -2.36 -32.35 10.99
N GLU D 465 -2.58 -31.04 10.91
CA GLU D 465 -3.47 -30.50 9.90
C GLU D 465 -2.79 -30.64 8.55
N GLY D 466 -1.68 -29.94 8.36
CA GLY D 466 -0.90 -30.05 7.16
C GLY D 466 0.56 -29.84 7.48
N LEU D 467 0.89 -29.88 8.78
CA LEU D 467 2.25 -29.61 9.26
C LEU D 467 3.26 -30.64 8.73
N SER D 468 2.77 -31.79 8.26
CA SER D 468 3.59 -32.77 7.57
C SER D 468 4.33 -32.17 6.38
N VAL D 469 3.63 -31.38 5.57
CA VAL D 469 4.31 -30.82 4.40
C VAL D 469 5.05 -29.55 4.78
N LEU D 470 5.24 -29.31 6.08
CA LEU D 470 6.38 -28.52 6.52
C LEU D 470 7.71 -29.09 6.02
N ARG D 471 7.78 -30.41 5.73
CA ARG D 471 8.92 -30.97 5.00
C ARG D 471 9.09 -30.40 3.59
N SER D 472 8.07 -29.71 3.06
CA SER D 472 8.23 -28.91 1.85
C SER D 472 9.33 -27.88 2.03
N PHE D 473 9.48 -27.36 3.24
CA PHE D 473 10.55 -26.44 3.58
C PHE D 473 11.94 -27.04 3.40
N ARG D 474 12.04 -28.37 3.33
CA ARG D 474 13.31 -29.00 2.96
C ARG D 474 13.79 -28.62 1.58
N LEU D 475 12.87 -28.22 0.70
CA LEU D 475 13.20 -27.64 -0.60
C LEU D 475 14.08 -26.41 -0.49
N LEU D 476 14.08 -25.73 0.66
CA LEU D 476 14.99 -24.61 0.89
C LEU D 476 16.46 -24.99 0.87
N ARG D 477 16.79 -26.28 0.92
CA ARG D 477 18.19 -26.68 0.69
C ARG D 477 18.61 -26.42 -0.75
N LEU D 478 17.67 -26.41 -1.69
CA LEU D 478 17.92 -25.90 -3.04
C LEU D 478 18.29 -24.43 -3.01
N PHE D 479 17.79 -23.70 -2.02
CA PHE D 479 18.25 -22.35 -1.73
C PHE D 479 19.75 -22.30 -1.51
N ARG D 480 20.30 -23.35 -0.87
CA ARG D 480 21.73 -23.48 -0.69
C ARG D 480 22.49 -23.74 -1.99
N ALA D 481 21.79 -23.99 -3.10
CA ALA D 481 22.41 -23.96 -4.41
C ALA D 481 22.10 -22.70 -5.20
N VAL D 482 21.02 -21.97 -4.84
CA VAL D 482 20.62 -20.84 -5.68
C VAL D 482 21.47 -19.61 -5.41
N THR D 483 22.30 -19.66 -4.35
CA THR D 483 23.23 -18.58 -4.04
C THR D 483 24.35 -18.44 -5.08
N ALA D 484 24.46 -19.38 -6.03
CA ALA D 484 25.53 -19.41 -7.02
C ALA D 484 25.48 -18.26 -8.03
N VAL D 485 24.38 -17.52 -8.08
CA VAL D 485 24.34 -16.28 -8.86
C VAL D 485 25.11 -15.25 -8.04
N PRO D 486 26.00 -14.45 -8.66
CA PRO D 486 26.88 -13.57 -7.85
C PRO D 486 26.18 -12.46 -7.10
N GLN D 487 24.98 -12.06 -7.49
CA GLN D 487 24.24 -11.09 -6.68
C GLN D 487 23.64 -11.76 -5.46
N MET D 488 23.23 -13.02 -5.59
CA MET D 488 22.57 -13.76 -4.53
C MET D 488 23.49 -14.07 -3.37
N ARG D 489 24.80 -14.12 -3.60
CA ARG D 489 25.76 -14.19 -2.50
C ARG D 489 25.61 -12.98 -1.58
N LYS D 490 25.62 -11.78 -2.17
CA LYS D 490 25.43 -10.56 -1.41
C LYS D 490 24.06 -10.51 -0.77
N ILE D 491 23.06 -11.07 -1.47
CA ILE D 491 21.69 -11.05 -0.97
C ILE D 491 21.54 -11.93 0.27
N VAL D 492 22.15 -13.11 0.25
CA VAL D 492 21.99 -14.03 1.38
C VAL D 492 22.85 -13.60 2.55
N SER D 493 24.05 -13.07 2.28
CA SER D 493 24.85 -12.46 3.34
C SER D 493 24.13 -11.27 3.94
N ALA D 494 23.40 -10.53 3.11
CA ALA D 494 22.63 -9.37 3.56
C ALA D 494 21.48 -9.79 4.47
N LEU D 495 20.72 -10.81 4.06
CA LEU D 495 19.58 -11.27 4.85
C LEU D 495 20.03 -11.86 6.18
N ILE D 496 21.10 -12.66 6.14
CA ILE D 496 21.63 -13.26 7.35
C ILE D 496 22.23 -12.19 8.26
N SER D 497 22.75 -11.11 7.67
CA SER D 497 23.24 -9.99 8.44
C SER D 497 22.12 -9.18 9.09
N VAL D 498 20.97 -9.04 8.43
CA VAL D 498 19.92 -8.18 8.96
C VAL D 498 18.87 -8.92 9.76
N ILE D 499 18.99 -10.23 9.93
CA ILE D 499 18.12 -10.97 10.87
C ILE D 499 18.03 -10.32 12.28
N PRO D 500 19.18 -10.02 13.01
CA PRO D 500 19.02 -9.61 14.42
C PRO D 500 18.38 -8.24 14.64
N GLY D 501 18.75 -7.27 13.80
CA GLY D 501 18.13 -5.96 13.89
C GLY D 501 16.65 -6.00 13.57
N MET D 502 16.26 -6.85 12.62
CA MET D 502 14.84 -7.02 12.34
C MET D 502 14.12 -7.68 13.49
N LEU D 503 14.77 -8.61 14.19
CA LEU D 503 14.16 -9.19 15.39
C LEU D 503 13.94 -8.12 16.45
N SER D 504 14.88 -7.19 16.57
CA SER D 504 14.72 -6.10 17.54
C SER D 504 13.59 -5.16 17.14
N VAL D 505 13.45 -4.87 15.84
CA VAL D 505 12.37 -3.96 15.46
C VAL D 505 11.02 -4.66 15.48
N ILE D 506 10.98 -5.99 15.31
CA ILE D 506 9.74 -6.73 15.57
C ILE D 506 9.37 -6.63 17.03
N ALA D 507 10.38 -6.70 17.92
CA ALA D 507 10.11 -6.57 19.35
C ALA D 507 9.52 -5.21 19.69
N LEU D 508 10.12 -4.13 19.17
CA LEU D 508 9.63 -2.80 19.51
C LEU D 508 8.26 -2.52 18.90
N MET D 509 8.04 -2.95 17.65
CA MET D 509 6.74 -2.74 17.03
C MET D 509 5.67 -3.57 17.71
N THR D 510 6.01 -4.76 18.20
CA THR D 510 5.02 -5.54 18.95
C THR D 510 4.72 -4.90 20.29
N LEU D 511 5.70 -4.22 20.88
CA LEU D 511 5.42 -3.47 22.10
C LEU D 511 4.44 -2.33 21.84
N PHE D 512 4.64 -1.63 20.72
CA PHE D 512 3.71 -0.58 20.30
C PHE D 512 2.32 -1.13 20.10
N PHE D 513 2.22 -2.25 19.39
CA PHE D 513 0.96 -2.94 19.23
C PHE D 513 0.35 -3.35 20.55
N TYR D 514 1.18 -3.73 21.51
CA TYR D 514 0.68 -4.20 22.77
C TYR D 514 -0.02 -3.10 23.53
N ILE D 515 0.64 -1.95 23.67
CA ILE D 515 0.01 -0.87 24.42
C ILE D 515 -1.17 -0.28 23.66
N PHE D 516 -1.07 -0.20 22.33
CA PHE D 516 -2.17 0.37 21.57
C PHE D 516 -3.38 -0.55 21.56
N ALA D 517 -3.16 -1.86 21.48
CA ALA D 517 -4.29 -2.76 21.46
C ALA D 517 -4.93 -2.88 22.82
N ILE D 518 -4.15 -2.72 23.89
CA ILE D 518 -4.76 -2.68 25.21
C ILE D 518 -5.65 -1.47 25.35
N MET D 519 -5.19 -0.31 24.88
CA MET D 519 -6.02 0.89 24.86
C MET D 519 -7.27 0.68 24.02
N ALA D 520 -7.14 0.02 22.87
CA ALA D 520 -8.28 -0.15 21.99
C ALA D 520 -9.29 -1.10 22.56
N THR D 521 -8.84 -2.20 23.16
CA THR D 521 -9.79 -3.17 23.68
C THR D 521 -10.40 -2.72 24.99
N GLN D 522 -9.82 -1.73 25.66
CA GLN D 522 -10.58 -1.10 26.73
C GLN D 522 -11.56 -0.09 26.16
N LEU D 523 -11.19 0.62 25.10
CA LEU D 523 -12.02 1.68 24.55
C LEU D 523 -13.28 1.13 23.90
N PHE D 524 -13.10 0.34 22.84
CA PHE D 524 -14.19 -0.02 21.94
C PHE D 524 -14.68 -1.44 22.14
N GLY D 525 -14.65 -1.93 23.38
CA GLY D 525 -15.06 -3.30 23.60
C GLY D 525 -16.56 -3.47 23.58
N GLU D 526 -17.31 -2.42 23.91
CA GLU D 526 -18.70 -2.63 24.24
C GLU D 526 -19.60 -2.72 23.01
N ARG D 527 -19.62 -1.69 22.16
CA ARG D 527 -20.64 -1.62 21.11
C ARG D 527 -20.41 -2.62 19.99
N PHE D 528 -19.18 -3.04 19.78
CA PHE D 528 -18.92 -4.17 18.91
C PHE D 528 -17.69 -4.91 19.39
N PRO D 529 -17.87 -6.16 19.82
CA PRO D 529 -16.73 -6.99 20.22
C PRO D 529 -16.20 -7.89 19.12
N GLU D 530 -16.77 -7.82 17.93
CA GLU D 530 -16.26 -8.63 16.82
C GLU D 530 -14.87 -8.19 16.43
N TRP D 531 -14.56 -6.92 16.59
CA TRP D 531 -13.25 -6.42 16.28
C TRP D 531 -12.40 -6.13 17.50
N PHE D 532 -13.02 -5.87 18.65
CA PHE D 532 -12.27 -5.44 19.83
C PHE D 532 -12.75 -6.06 21.13
N GLY D 533 -13.34 -7.24 21.11
CA GLY D 533 -13.84 -7.81 22.35
C GLY D 533 -12.73 -8.34 23.24
N THR D 534 -11.90 -9.21 22.70
CA THR D 534 -10.81 -9.82 23.45
C THR D 534 -9.57 -8.96 23.28
N LEU D 535 -8.42 -9.49 23.65
CA LEU D 535 -7.18 -8.91 23.19
C LEU D 535 -6.65 -9.61 21.95
N GLY D 536 -7.01 -10.87 21.73
CA GLY D 536 -6.57 -11.55 20.52
C GLY D 536 -7.17 -10.94 19.27
N GLU D 537 -8.47 -10.67 19.30
CA GLU D 537 -9.09 -10.14 18.09
C GLU D 537 -8.90 -8.64 17.96
N SER D 538 -8.74 -7.92 19.06
CA SER D 538 -8.37 -6.51 18.96
C SER D 538 -6.95 -6.37 18.45
N PHE D 539 -6.07 -7.28 18.84
CA PHE D 539 -4.72 -7.26 18.35
C PHE D 539 -4.66 -7.59 16.87
N TYR D 540 -5.48 -8.54 16.43
CA TYR D 540 -5.58 -8.82 15.00
C TYR D 540 -6.15 -7.63 14.25
N THR D 541 -7.10 -6.93 14.86
CA THR D 541 -7.70 -5.78 14.20
C THR D 541 -6.70 -4.66 14.03
N LEU D 542 -5.84 -4.46 15.02
CA LEU D 542 -4.81 -3.46 14.81
C LEU D 542 -3.72 -3.92 13.87
N PHE D 543 -3.55 -5.22 13.68
CA PHE D 543 -2.70 -5.58 12.57
C PHE D 543 -3.37 -5.30 11.25
N GLN D 544 -4.69 -5.39 11.19
CA GLN D 544 -5.37 -5.02 9.95
C GLN D 544 -5.26 -3.54 9.66
N VAL D 545 -5.48 -2.70 10.66
CA VAL D 545 -5.34 -1.27 10.48
C VAL D 545 -3.88 -0.88 10.27
N MET D 546 -2.93 -1.75 10.65
CA MET D 546 -1.55 -1.49 10.30
C MET D 546 -1.32 -1.52 8.81
N THR D 547 -1.87 -2.49 8.10
CA THR D 547 -1.48 -2.70 6.72
C THR D 547 -2.30 -1.89 5.73
N LEU D 548 -3.03 -0.89 6.22
CA LEU D 548 -3.78 0.07 5.40
C LEU D 548 -4.76 -0.64 4.49
N GLU D 549 -5.70 -1.35 5.11
CA GLU D 549 -6.71 -2.04 4.33
C GLU D 549 -8.03 -1.97 5.07
N SER D 550 -8.98 -1.27 4.47
CA SER D 550 -10.34 -1.08 4.97
C SER D 550 -10.39 -0.60 6.39
N TRP D 551 -9.40 0.18 6.80
CA TRP D 551 -9.57 0.85 8.07
C TRP D 551 -10.65 1.89 7.95
N SER D 552 -10.73 2.55 6.81
CA SER D 552 -11.74 3.57 6.65
C SER D 552 -13.12 2.96 6.45
N MET D 553 -13.33 2.26 5.33
CA MET D 553 -14.67 1.82 5.01
C MET D 553 -15.10 0.65 5.88
N GLY D 554 -14.17 -0.23 6.22
CA GLY D 554 -14.57 -1.39 6.96
C GLY D 554 -14.58 -1.16 8.46
N ILE D 555 -13.70 -0.29 8.97
CA ILE D 555 -13.53 -0.19 10.40
C ILE D 555 -13.92 1.17 10.96
N VAL D 556 -13.20 2.22 10.57
CA VAL D 556 -13.29 3.47 11.32
C VAL D 556 -14.60 4.20 11.04
N ARG D 557 -15.16 4.05 9.86
CA ARG D 557 -16.42 4.70 9.60
C ARG D 557 -17.59 4.08 10.38
N PRO D 558 -17.62 2.76 10.65
CA PRO D 558 -18.52 2.31 11.70
C PRO D 558 -18.25 2.89 13.08
N LEU D 559 -17.01 3.20 13.43
CA LEU D 559 -16.81 3.83 14.72
C LEU D 559 -17.30 5.27 14.74
N MET D 560 -17.10 6.00 13.65
CA MET D 560 -17.63 7.34 13.52
C MET D 560 -19.15 7.36 13.52
N GLU D 561 -19.77 6.24 13.15
CA GLU D 561 -21.21 6.12 13.37
C GLU D 561 -21.57 6.13 14.85
N VAL D 562 -20.67 5.75 15.74
CA VAL D 562 -21.01 5.77 17.17
C VAL D 562 -20.12 6.76 17.90
N TYR D 563 -18.81 6.54 17.90
CA TYR D 563 -17.89 7.40 18.65
C TYR D 563 -17.29 8.40 17.69
N PRO D 564 -17.61 9.69 17.78
CA PRO D 564 -17.03 10.67 16.86
C PRO D 564 -15.63 11.12 17.23
N TYR D 565 -14.98 10.50 18.20
CA TYR D 565 -13.63 10.90 18.55
C TYR D 565 -12.70 9.70 18.64
N ALA D 566 -12.76 8.82 17.64
CA ALA D 566 -11.79 7.74 17.55
C ALA D 566 -10.88 7.88 16.35
N TRP D 567 -11.17 8.81 15.45
CA TRP D 567 -10.20 9.10 14.41
C TRP D 567 -8.97 9.73 15.01
N VAL D 568 -9.13 10.52 16.06
CA VAL D 568 -7.99 11.02 16.81
C VAL D 568 -7.25 9.93 17.54
N PHE D 569 -7.83 8.75 17.68
CA PHE D 569 -7.03 7.62 18.10
C PHE D 569 -6.31 6.99 16.93
N PHE D 570 -7.02 6.79 15.82
CA PHE D 570 -6.47 5.90 14.80
C PHE D 570 -5.41 6.56 13.93
N ILE D 571 -5.58 7.84 13.61
CA ILE D 571 -4.65 8.53 12.73
C ILE D 571 -3.23 8.65 13.32
N PRO D 572 -3.02 8.99 14.59
CA PRO D 572 -1.63 8.95 15.09
C PRO D 572 -1.07 7.54 15.15
N PHE D 573 -1.92 6.54 15.26
CA PHE D 573 -1.45 5.17 15.18
C PHE D 573 -0.91 4.86 13.80
N ILE D 574 -1.60 5.34 12.76
CA ILE D 574 -1.14 5.14 11.40
C ILE D 574 0.19 5.84 11.18
N PHE D 575 0.33 7.04 11.73
CA PHE D 575 1.60 7.76 11.60
C PHE D 575 2.75 7.04 12.30
N VAL D 576 2.52 6.56 13.52
CA VAL D 576 3.64 5.98 14.25
C VAL D 576 4.03 4.61 13.68
N VAL D 577 3.09 3.86 13.14
CA VAL D 577 3.53 2.55 12.68
C VAL D 577 3.97 2.61 11.21
N THR D 578 3.47 3.57 10.43
CA THR D 578 4.10 3.87 9.15
C THR D 578 5.54 4.34 9.34
N PHE D 579 5.77 5.14 10.38
CA PHE D 579 7.11 5.53 10.80
C PHE D 579 7.98 4.32 11.11
N VAL D 580 7.46 3.40 11.93
CA VAL D 580 8.27 2.25 12.37
C VAL D 580 8.55 1.29 11.21
N MET D 581 7.56 1.06 10.34
CA MET D 581 7.76 0.18 9.20
C MET D 581 8.75 0.79 8.19
N ILE D 582 8.70 2.10 7.98
CA ILE D 582 9.69 2.72 7.12
C ILE D 582 11.08 2.65 7.76
N ASN D 583 11.14 2.72 9.09
CA ASN D 583 12.40 2.54 9.80
C ASN D 583 12.96 1.14 9.61
N LEU D 584 12.07 0.15 9.56
CA LEU D 584 12.46 -1.21 9.20
C LEU D 584 13.07 -1.26 7.82
N VAL D 585 12.46 -0.56 6.87
CA VAL D 585 12.98 -0.52 5.50
C VAL D 585 14.36 0.12 5.48
N VAL D 586 14.58 1.11 6.33
CA VAL D 586 15.89 1.78 6.39
C VAL D 586 16.95 0.85 6.95
N ALA D 587 16.63 0.15 8.04
CA ALA D 587 17.60 -0.78 8.57
C ALA D 587 17.74 -2.04 7.71
N ILE D 588 16.86 -2.22 6.73
CA ILE D 588 17.15 -3.19 5.69
C ILE D 588 18.09 -2.60 4.64
N ILE D 589 17.93 -1.30 4.35
CA ILE D 589 18.78 -0.61 3.36
C ILE D 589 20.25 -0.63 3.76
N VAL D 590 20.53 -0.46 5.05
CA VAL D 590 21.90 -0.16 5.50
C VAL D 590 22.93 -1.25 5.22
N ASP D 591 22.48 -2.48 4.98
CA ASP D 591 23.40 -3.60 4.85
C ASP D 591 24.22 -3.52 3.57
N ALA D 592 23.60 -3.07 2.49
CA ALA D 592 24.24 -3.10 1.19
C ALA D 592 25.30 -2.03 1.07
N MET D 593 25.11 -0.90 1.76
CA MET D 593 26.18 0.07 1.88
C MET D 593 27.17 -0.31 2.98
N ALA D 594 26.77 -1.18 3.91
CA ALA D 594 27.73 -1.68 4.89
C ALA D 594 28.72 -2.66 4.26
N ILE D 595 28.23 -3.52 3.36
CA ILE D 595 29.09 -4.53 2.76
C ILE D 595 29.96 -3.90 1.67
N LEU D 596 29.34 -3.19 0.75
CA LEU D 596 30.08 -2.58 -0.35
C LEU D 596 30.47 -1.15 -0.01
N CYS E 2 -18.43 -25.79 -49.71
CA CYS E 2 -18.02 -24.74 -48.79
C CYS E 2 -17.33 -23.50 -49.34
N LEU E 3 -17.29 -22.50 -48.47
CA LEU E 3 -16.66 -21.22 -48.74
C LEU E 3 -15.23 -21.32 -48.27
N GLY E 4 -14.29 -20.99 -49.13
CA GLY E 4 -12.89 -21.08 -48.74
C GLY E 4 -12.33 -20.26 -47.60
N ILE E 5 -11.01 -20.33 -47.53
CA ILE E 5 -10.15 -19.66 -46.56
C ILE E 5 -9.89 -18.23 -47.03
N PHE E 6 -9.72 -17.28 -46.08
CA PHE E 6 -9.46 -15.87 -46.40
C PHE E 6 -10.54 -15.24 -47.26
N LYS E 7 -11.81 -15.49 -46.94
CA LYS E 7 -12.83 -14.90 -47.78
C LYS E 7 -13.66 -13.92 -46.97
N ALA E 8 -13.73 -12.70 -47.50
CA ALA E 8 -14.47 -11.57 -46.96
C ALA E 8 -15.92 -11.94 -46.69
N CYS E 9 -16.50 -11.32 -45.68
CA CYS E 9 -17.89 -11.59 -45.31
C CYS E 9 -18.27 -10.61 -44.21
N ASN E 10 -19.51 -10.75 -43.75
CA ASN E 10 -20.16 -10.00 -42.70
C ASN E 10 -20.58 -10.93 -41.57
N PRO E 11 -20.44 -10.51 -40.32
CA PRO E 11 -20.85 -11.41 -39.22
C PRO E 11 -22.36 -11.58 -39.16
N SER E 12 -23.11 -10.57 -39.61
CA SER E 12 -24.56 -10.63 -39.62
C SER E 12 -25.09 -11.70 -40.56
N ASN E 13 -24.36 -12.01 -41.62
CA ASN E 13 -24.77 -13.03 -42.59
C ASN E 13 -23.62 -13.97 -42.90
N ASP E 14 -22.92 -14.39 -41.84
CA ASP E 14 -21.81 -15.32 -41.91
C ASP E 14 -22.16 -16.58 -42.70
N GLN E 15 -21.28 -16.96 -43.62
CA GLN E 15 -21.51 -18.14 -44.45
C GLN E 15 -20.22 -18.91 -44.71
N CYS E 16 -19.33 -18.93 -43.72
CA CYS E 16 -18.05 -19.61 -43.78
C CYS E 16 -18.24 -21.14 -43.80
N CYS E 17 -17.14 -21.86 -43.99
CA CYS E 17 -17.18 -23.32 -44.04
C CYS E 17 -17.29 -23.77 -42.59
N LYS E 18 -18.55 -23.86 -42.13
CA LYS E 18 -18.89 -24.27 -40.76
C LYS E 18 -18.23 -25.59 -40.34
N SER E 19 -18.08 -26.52 -41.29
CA SER E 19 -17.46 -27.83 -41.03
C SER E 19 -16.06 -27.74 -40.44
N SER E 20 -15.29 -26.74 -40.86
CA SER E 20 -13.92 -26.52 -40.42
C SER E 20 -13.79 -25.50 -39.30
N LYS E 21 -14.87 -25.29 -38.55
CA LYS E 21 -14.96 -24.36 -37.42
C LYS E 21 -14.49 -22.96 -37.78
N LEU E 22 -15.19 -22.37 -38.73
CA LEU E 22 -14.89 -21.02 -39.21
C LEU E 22 -16.16 -20.20 -39.01
N VAL E 23 -15.98 -18.95 -38.58
CA VAL E 23 -17.07 -18.00 -38.31
C VAL E 23 -16.56 -16.61 -38.68
N CYS E 24 -17.43 -15.82 -39.33
CA CYS E 24 -17.07 -14.46 -39.72
C CYS E 24 -17.08 -13.61 -38.45
N SER E 25 -15.91 -13.14 -38.03
CA SER E 25 -15.81 -12.34 -36.81
C SER E 25 -16.35 -10.94 -37.05
N ARG E 26 -16.86 -10.34 -35.98
CA ARG E 26 -17.45 -9.01 -36.06
C ARG E 26 -16.39 -7.92 -36.16
N LYS E 27 -15.19 -8.16 -35.66
CA LYS E 27 -14.15 -7.16 -35.74
C LYS E 27 -13.33 -7.30 -37.01
N THR E 28 -13.07 -8.54 -37.40
CA THR E 28 -12.28 -8.89 -38.57
C THR E 28 -13.03 -8.92 -39.90
N ARG E 29 -14.33 -9.26 -39.91
CA ARG E 29 -15.18 -9.37 -41.10
C ARG E 29 -14.67 -10.47 -42.05
N TRP E 30 -14.10 -11.50 -41.44
CA TRP E 30 -13.56 -12.63 -42.17
C TRP E 30 -13.59 -13.85 -41.25
N CYS E 31 -13.71 -15.00 -41.89
CA CYS E 31 -13.78 -16.34 -41.30
C CYS E 31 -12.50 -16.68 -40.54
N LYS E 32 -12.57 -16.86 -39.22
CA LYS E 32 -11.36 -17.21 -38.50
C LYS E 32 -11.40 -18.69 -38.18
N TRP E 33 -10.21 -19.32 -38.16
CA TRP E 33 -10.09 -20.74 -37.91
C TRP E 33 -9.98 -20.99 -36.41
N GLN E 34 -11.01 -21.58 -35.82
CA GLN E 34 -10.96 -21.85 -34.41
C GLN E 34 -10.51 -23.29 -34.17
N CYS F 2 -34.93 42.40 -21.01
CA CYS F 2 -34.10 41.64 -20.09
C CYS F 2 -33.31 42.39 -19.02
N LEU F 3 -32.84 41.60 -18.06
CA LEU F 3 -32.04 42.08 -16.95
C LEU F 3 -30.58 41.93 -17.39
N GLY F 4 -29.82 43.01 -17.27
CA GLY F 4 -28.43 42.96 -17.68
C GLY F 4 -27.45 42.01 -17.01
N ILE F 5 -26.20 42.25 -17.36
CA ILE F 5 -25.01 41.53 -16.91
C ILE F 5 -24.56 42.13 -15.58
N PHE F 6 -23.97 41.29 -14.69
CA PHE F 6 -23.48 41.73 -13.37
C PHE F 6 -24.57 42.34 -12.51
N LYS F 7 -25.75 41.73 -12.48
CA LYS F 7 -26.79 42.33 -11.67
C LYS F 7 -27.16 41.41 -10.53
N ALA F 8 -27.08 41.98 -9.32
CA ALA F 8 -27.41 41.33 -8.06
C ALA F 8 -28.80 40.73 -8.09
N CYS F 9 -28.98 39.63 -7.36
CA CYS F 9 -30.26 38.94 -7.30
C CYS F 9 -30.15 37.82 -6.28
N ASN F 10 -31.24 37.08 -6.14
CA ASN F 10 -31.44 35.96 -5.27
C ASN F 10 -31.78 34.71 -6.08
N PRO F 11 -31.27 33.55 -5.70
CA PRO F 11 -31.60 32.34 -6.48
C PRO F 11 -33.04 31.94 -6.33
N SER F 12 -33.64 32.24 -5.17
CA SER F 12 -35.03 31.92 -4.89
C SER F 12 -35.99 32.65 -5.82
N ASN F 13 -35.62 33.84 -6.28
CA ASN F 13 -36.46 34.63 -7.17
C ASN F 13 -35.64 35.16 -8.35
N ASP F 14 -34.83 34.27 -8.92
CA ASP F 14 -33.99 34.55 -10.08
C ASP F 14 -34.78 35.16 -11.23
N GLN F 15 -34.26 36.25 -11.80
CA GLN F 15 -34.93 36.94 -12.88
C GLN F 15 -33.94 37.46 -13.93
N CYS F 16 -32.88 36.69 -14.14
CA CYS F 16 -31.83 37.01 -15.10
C CYS F 16 -32.34 36.92 -16.54
N CYS F 17 -31.51 37.32 -17.49
CA CYS F 17 -31.88 37.28 -18.90
C CYS F 17 -31.75 35.83 -19.33
N LYS F 18 -32.84 35.08 -19.13
CA LYS F 18 -32.93 33.66 -19.46
C LYS F 18 -32.51 33.34 -20.90
N SER F 19 -32.79 34.25 -21.84
CA SER F 19 -32.43 34.08 -23.25
C SER F 19 -30.94 33.83 -23.48
N SER F 20 -30.08 34.46 -22.68
CA SER F 20 -28.63 34.36 -22.78
C SER F 20 -28.03 33.35 -21.82
N LYS F 21 -28.83 32.38 -21.37
CA LYS F 21 -28.45 31.31 -20.45
C LYS F 21 -27.77 31.83 -19.18
N LEU F 22 -28.53 32.64 -18.44
CA LEU F 22 -28.07 33.23 -17.20
C LEU F 22 -29.04 32.79 -16.11
N VAL F 23 -28.49 32.47 -14.94
CA VAL F 23 -29.25 32.01 -13.77
C VAL F 23 -28.56 32.55 -12.53
N CYS F 24 -29.34 33.02 -11.57
CA CYS F 24 -28.80 33.55 -10.32
C CYS F 24 -28.32 32.35 -9.49
N SER F 25 -27.01 32.23 -9.30
CA SER F 25 -26.45 31.12 -8.54
C SER F 25 -26.72 31.29 -7.06
N ARG F 26 -26.81 30.16 -6.37
CA ARG F 26 -27.09 30.17 -4.93
C ARG F 26 -25.88 30.57 -4.11
N LYS F 27 -24.68 30.34 -4.61
CA LYS F 27 -23.49 30.72 -3.87
C LYS F 27 -23.05 32.13 -4.20
N THR F 28 -23.16 32.50 -5.47
CA THR F 28 -22.77 33.81 -5.98
C THR F 28 -23.80 34.93 -5.84
N ARG F 29 -25.10 34.62 -5.86
CA ARG F 29 -26.22 35.58 -5.77
C ARG F 29 -26.20 36.56 -6.95
N TRP F 30 -25.74 36.05 -8.10
CA TRP F 30 -25.66 36.82 -9.32
C TRP F 30 -25.74 35.86 -10.50
N CYS F 31 -26.26 36.41 -11.59
CA CYS F 31 -26.47 35.75 -12.88
C CYS F 31 -25.16 35.30 -13.50
N LYS F 32 -24.96 33.99 -13.67
CA LYS F 32 -23.72 33.54 -14.28
C LYS F 32 -24.00 33.15 -15.73
N TRP F 33 -23.02 33.38 -16.60
CA TRP F 33 -23.15 33.09 -18.02
C TRP F 33 -22.74 31.65 -18.29
N GLN F 34 -23.71 30.82 -18.65
CA GLN F 34 -23.39 29.43 -18.92
C GLN F 34 -23.22 29.24 -20.42
N CYS G 2 -28.98 14.35 49.11
CA CYS G 2 -28.14 13.61 48.18
C CYS G 2 -26.97 12.81 48.73
N LEU G 3 -26.46 11.94 47.86
CA LEU G 3 -25.32 11.08 48.14
C LEU G 3 -24.09 11.84 47.69
N GLY G 4 -23.11 11.96 48.56
CA GLY G 4 -21.90 12.68 48.20
C GLY G 4 -21.01 12.21 47.06
N ILE G 5 -19.86 12.88 47.01
CA ILE G 5 -18.79 12.68 46.05
C ILE G 5 -17.91 11.52 46.52
N PHE G 6 -17.31 10.76 45.58
CA PHE G 6 -16.44 9.61 45.89
C PHE G 6 -17.13 8.55 46.73
N LYS G 7 -18.37 8.21 46.41
CA LYS G 7 -19.02 7.21 47.21
C LYS G 7 -19.30 5.96 46.40
N ALA G 8 -18.82 4.84 46.93
CA ALA G 8 -18.95 3.51 46.37
C ALA G 8 -20.42 3.18 46.09
N CYS G 9 -20.64 2.37 45.05
CA CYS G 9 -22.00 1.98 44.67
C CYS G 9 -21.87 0.95 43.57
N ASN G 10 -23.03 0.51 43.09
CA ASN G 10 -23.25 -0.44 42.03
C ASN G 10 -24.05 0.21 40.90
N PRO G 11 -23.71 -0.09 39.64
CA PRO G 11 -24.48 0.52 38.54
C PRO G 11 -25.90 0.01 38.46
N SER G 12 -26.12 -1.24 38.89
CA SER G 12 -27.44 -1.86 38.88
C SER G 12 -28.40 -1.15 39.81
N ASN G 13 -27.90 -0.55 40.89
CA ASN G 13 -28.75 0.16 41.85
C ASN G 13 -28.15 1.52 42.19
N ASP G 14 -27.71 2.22 41.14
CA ASP G 14 -27.14 3.56 41.22
C ASP G 14 -28.03 4.51 42.00
N GLN G 15 -27.44 5.25 42.94
CA GLN G 15 -28.19 6.18 43.77
C GLN G 15 -27.39 7.45 44.05
N CYS G 16 -26.61 7.87 43.08
CA CYS G 16 -25.77 9.07 43.15
C CYS G 16 -26.64 10.33 43.18
N CYS G 17 -25.98 11.48 43.39
CA CYS G 17 -26.69 12.76 43.44
C CYS G 17 -26.98 13.13 42.00
N LYS G 18 -28.13 12.64 41.50
CA LYS G 18 -28.60 12.86 40.14
C LYS G 18 -28.61 14.34 39.74
N SER G 19 -28.90 15.24 40.69
CA SER G 19 -28.96 16.68 40.44
C SER G 19 -27.66 17.24 39.87
N SER G 20 -26.51 16.69 40.29
CA SER G 20 -25.19 17.14 39.88
C SER G 20 -24.60 16.29 38.75
N LYS G 21 -25.46 15.62 37.98
CA LYS G 21 -25.11 14.77 36.85
C LYS G 21 -24.06 13.72 37.21
N LEU G 22 -24.42 12.86 38.16
CA LEU G 22 -23.55 11.80 38.63
C LEU G 22 -24.30 10.49 38.42
N VAL G 23 -23.56 9.47 37.99
CA VAL G 23 -24.10 8.13 37.70
C VAL G 23 -23.02 7.11 38.07
N CYS G 24 -23.44 6.01 38.70
CA CYS G 24 -22.50 4.97 39.10
C CYS G 24 -22.11 4.21 37.83
N SER G 25 -20.85 4.33 37.42
CA SER G 25 -20.38 3.67 36.21
C SER G 25 -20.24 2.18 36.43
N ARG G 26 -20.41 1.43 35.35
CA ARG G 26 -20.32 -0.03 35.42
C ARG G 26 -18.88 -0.53 35.53
N LYS G 27 -17.92 0.24 35.05
CA LYS G 27 -16.53 -0.18 35.14
C LYS G 27 -15.88 0.32 36.43
N THR G 28 -16.22 1.54 36.82
CA THR G 28 -15.70 2.19 38.00
C THR G 28 -16.39 1.87 39.32
N ARG G 29 -17.69 1.57 39.31
CA ARG G 29 -18.53 1.27 40.50
C ARG G 29 -18.58 2.48 41.45
N TRP G 30 -18.53 3.67 40.85
CA TRP G 30 -18.58 4.91 41.59
C TRP G 30 -19.15 5.99 40.67
N CYS G 31 -19.78 6.95 41.32
CA CYS G 31 -20.44 8.11 40.73
C CYS G 31 -19.45 9.01 40.00
N LYS G 32 -19.59 9.15 38.67
CA LYS G 32 -18.66 10.01 37.96
C LYS G 32 -19.36 11.33 37.66
N TRP G 33 -18.59 12.42 37.66
CA TRP G 33 -19.12 13.75 37.40
C TRP G 33 -19.12 14.03 35.91
N GLN G 34 -20.30 14.10 35.32
CA GLN G 34 -20.37 14.37 33.89
C GLN G 34 -20.62 15.86 33.67
N CYS H 2 -12.64 -53.68 21.18
CA CYS H 2 -12.21 -52.66 20.23
C CYS H 2 -11.16 -53.01 19.19
N LEU H 3 -11.09 -52.12 18.20
CA LEU H 3 -10.14 -52.22 17.10
C LEU H 3 -8.91 -51.45 17.52
N GLY H 4 -7.75 -52.07 17.43
CA GLY H 4 -6.53 -51.39 17.83
C GLY H 4 -6.05 -50.13 17.13
N ILE H 5 -4.83 -49.77 17.49
CA ILE H 5 -4.08 -48.63 17.01
C ILE H 5 -3.40 -49.00 15.70
N PHE H 6 -3.23 -48.01 14.78
CA PHE H 6 -2.59 -48.22 13.47
C PHE H 6 -3.29 -49.27 12.63
N LYS H 7 -4.62 -49.26 12.59
CA LYS H 7 -5.27 -50.28 11.80
C LYS H 7 -6.02 -49.65 10.63
N ALA H 8 -5.68 -50.15 9.45
CA ALA H 8 -6.25 -49.76 8.16
C ALA H 8 -7.76 -49.83 8.19
N CYS H 9 -8.41 -48.94 7.43
CA CYS H 9 -9.87 -48.90 7.35
C CYS H 9 -10.24 -47.89 6.30
N ASN H 10 -11.55 -47.71 6.14
CA ASN H 10 -12.22 -46.82 5.23
C ASN H 10 -13.09 -45.83 6.02
N PRO H 11 -13.14 -44.55 5.60
CA PRO H 11 -13.97 -43.60 6.36
C PRO H 11 -15.45 -43.89 6.19
N SER H 12 -15.84 -44.46 5.04
CA SER H 12 -17.23 -44.79 4.76
C SER H 12 -17.77 -45.85 5.71
N ASN H 13 -16.91 -46.74 6.21
CA ASN H 13 -17.32 -47.79 7.13
C ASN H 13 -16.37 -47.88 8.32
N ASP H 14 -16.04 -46.70 8.86
CA ASP H 14 -15.17 -46.54 10.02
C ASP H 14 -15.62 -47.41 11.19
N GLN H 15 -14.67 -48.14 11.79
CA GLN H 15 -14.97 -49.02 12.90
C GLN H 15 -13.87 -49.01 13.95
N CYS H 16 -13.26 -47.86 14.14
CA CYS H 16 -12.18 -47.64 15.10
C CYS H 16 -12.70 -47.76 16.54
N CYS H 17 -11.78 -47.71 17.50
CA CYS H 17 -12.14 -47.81 18.91
C CYS H 17 -12.67 -46.43 19.30
N LYS H 18 -13.98 -46.25 19.07
CA LYS H 18 -14.70 -45.01 19.36
C LYS H 18 -14.46 -44.49 20.78
N SER H 19 -14.32 -45.41 21.76
CA SER H 19 -14.10 -45.06 23.16
C SER H 19 -12.87 -44.16 23.38
N SER H 20 -11.82 -44.38 22.59
CA SER H 20 -10.57 -43.63 22.69
C SER H 20 -10.46 -42.49 21.68
N LYS H 21 -11.61 -41.99 21.22
CA LYS H 21 -11.73 -40.89 20.26
C LYS H 21 -10.88 -41.09 19.01
N LEU H 22 -11.19 -42.17 18.29
CA LEU H 22 -10.51 -42.53 17.07
C LEU H 22 -11.56 -42.60 15.98
N VAL H 23 -11.20 -42.11 14.79
CA VAL H 23 -12.07 -42.06 13.61
C VAL H 23 -11.20 -42.27 12.38
N CYS H 24 -11.70 -43.08 11.43
CA CYS H 24 -10.97 -43.34 10.21
C CYS H 24 -11.06 -42.08 9.34
N SER H 25 -9.94 -41.40 9.13
CA SER H 25 -9.92 -40.18 8.35
C SER H 25 -10.07 -40.49 6.88
N ARG H 26 -10.65 -39.53 6.15
CA ARG H 26 -10.88 -39.71 4.71
C ARG H 26 -9.62 -39.56 3.90
N LYS H 27 -8.65 -38.80 4.39
CA LYS H 27 -7.41 -38.63 3.65
C LYS H 27 -6.39 -39.70 4.02
N THR H 28 -6.34 -40.04 5.29
CA THR H 28 -5.41 -41.03 5.84
C THR H 28 -5.84 -42.48 5.74
N ARG H 29 -7.14 -42.79 5.76
CA ARG H 29 -7.72 -44.15 5.71
C ARG H 29 -7.27 -44.98 6.92
N TRP H 30 -7.09 -44.29 8.04
CA TRP H 30 -6.69 -44.90 9.29
C TRP H 30 -7.19 -44.05 10.44
N CYS H 31 -7.42 -44.73 11.55
CA CYS H 31 -7.92 -44.21 12.81
C CYS H 31 -6.95 -43.19 13.43
N LYS H 32 -7.36 -41.93 13.55
CA LYS H 32 -6.44 -40.97 14.14
C LYS H 32 -6.88 -40.70 15.58
N TRP H 33 -5.91 -40.44 16.45
CA TRP H 33 -6.17 -40.20 17.86
C TRP H 33 -6.45 -38.72 18.09
N GLN H 34 -7.69 -38.40 18.42
CA GLN H 34 -8.02 -37.01 18.65
C GLN H 34 -7.97 -36.72 20.15
#